data_2E55
#
_entry.id   2E55
#
_cell.length_a   63.390
_cell.length_b   70.670
_cell.length_c   90.166
_cell.angle_alpha   90.00
_cell.angle_beta   97.96
_cell.angle_gamma   90.00
#
_symmetry.space_group_name_H-M   'P 1 21 1'
#
loop_
_entity.id
_entity.type
_entity.pdbx_description
1 polymer 'Uracil phosphoribosyltransferase'
2 non-polymer 'SULFATE ION'
3 water water
#
_entity_poly.entity_id   1
_entity_poly.type   'polypeptide(L)'
_entity_poly.pdbx_seq_one_letter_code
;MIVELSHPLIKHKVNTARIQDTSAEKLRKTLKELGFMLVYEALKDILLEEKEVRTWIGNKRFNYLNEEEIVFVPILRAGL
SFLEGALQVVPNAKVGFLGIKRNEETLESHIYYSRLPELKGKIVVILDPMLATGGTLEVALREILKHSPLKVKSVHAIAA
PEGLKRIEEKFKEVEIFVGNVDERLNDKGYIIPGLGDIGDRLYAVSVY
;
_entity_poly.pdbx_strand_id   A,B,C,D
#
loop_
_chem_comp.id
_chem_comp.type
_chem_comp.name
_chem_comp.formula
SO4 non-polymer 'SULFATE ION' 'O4 S -2'
#
# COMPACT_ATOMS: atom_id res chain seq x y z
N MET A 1 31.71 -3.49 -8.38
CA MET A 1 31.53 -2.05 -8.25
C MET A 1 30.45 -1.71 -7.23
N ILE A 2 31.01 -1.15 -6.15
CA ILE A 2 30.24 -0.65 -5.04
C ILE A 2 29.79 0.80 -5.25
N VAL A 3 28.60 1.12 -4.77
CA VAL A 3 28.05 2.46 -4.90
C VAL A 3 27.27 2.84 -3.64
N GLU A 4 27.72 3.89 -2.95
CA GLU A 4 27.03 4.34 -1.74
C GLU A 4 26.15 5.52 -2.14
N LEU A 5 24.87 5.43 -1.82
CA LEU A 5 23.92 6.48 -2.16
C LEU A 5 23.97 7.64 -1.16
N SER A 6 23.83 8.85 -1.69
CA SER A 6 23.89 10.04 -0.84
C SER A 6 22.58 10.82 -0.72
N HIS A 7 21.51 10.33 -1.34
CA HIS A 7 20.24 11.02 -1.28
C HIS A 7 19.80 11.22 0.17
N PRO A 8 19.43 12.46 0.55
CA PRO A 8 19.00 12.73 1.92
C PRO A 8 17.81 11.91 2.41
N LEU A 9 16.91 11.53 1.50
CA LEU A 9 15.78 10.79 2.02
C LEU A 9 16.12 9.31 2.23
N ILE A 10 17.19 8.80 1.61
CA ILE A 10 17.64 7.44 1.89
C ILE A 10 18.29 7.43 3.28
N LYS A 11 19.07 8.47 3.58
CA LYS A 11 19.72 8.57 4.87
C LYS A 11 18.64 8.62 5.94
N HIS A 12 17.61 9.43 5.68
CA HIS A 12 16.51 9.58 6.61
C HIS A 12 15.86 8.23 6.91
N LYS A 13 15.50 7.51 5.85
CA LYS A 13 14.87 6.21 6.02
C LYS A 13 15.82 5.29 6.79
N VAL A 14 17.08 5.26 6.40
CA VAL A 14 18.06 4.42 7.07
C VAL A 14 18.16 4.77 8.55
N ASN A 15 18.38 6.05 8.84
CA ASN A 15 18.53 6.50 10.21
C ASN A 15 17.21 6.32 10.99
N THR A 16 16.08 6.46 10.27
CA THR A 16 14.78 6.21 10.93
C THR A 16 14.68 4.73 11.37
N ALA A 17 15.36 3.87 10.61
CA ALA A 17 15.34 2.45 10.92
C ALA A 17 16.28 2.09 12.08
N ARG A 18 17.22 2.99 12.38
CA ARG A 18 18.14 2.80 13.49
C ARG A 18 17.43 2.93 14.85
N ILE A 19 16.36 3.73 14.85
CA ILE A 19 15.63 3.98 16.10
C ILE A 19 14.96 2.71 16.65
N GLN A 20 15.50 2.24 17.81
CA GLN A 20 15.04 0.97 18.38
C GLN A 20 13.66 1.09 19.04
N ASP A 21 13.28 2.26 19.52
CA ASP A 21 11.96 2.41 20.14
C ASP A 21 10.79 2.68 19.20
N THR A 22 10.85 2.12 17.99
CA THR A 22 9.75 2.27 17.04
C THR A 22 9.04 0.92 16.96
N SER A 23 7.75 0.95 16.67
CA SER A 23 6.98 -0.29 16.56
C SER A 23 7.43 -1.06 15.31
N ALA A 24 7.06 -2.32 15.23
CA ALA A 24 7.42 -3.15 14.08
C ALA A 24 6.71 -2.61 12.83
N GLU A 25 5.52 -2.08 13.01
CA GLU A 25 4.74 -1.52 11.91
C GLU A 25 5.56 -0.41 11.23
N LYS A 26 6.07 0.50 12.05
CA LYS A 26 6.88 1.62 11.59
C LYS A 26 8.17 1.18 10.91
N LEU A 27 8.82 0.18 11.50
CA LEU A 27 10.08 -0.32 10.95
C LEU A 27 9.83 -0.95 9.57
N ARG A 28 8.80 -1.76 9.48
CA ARG A 28 8.45 -2.43 8.21
C ARG A 28 8.13 -1.43 7.12
N LYS A 29 7.31 -0.44 7.46
CA LYS A 29 6.91 0.57 6.50
C LYS A 29 8.11 1.42 6.10
N THR A 30 9.04 1.63 7.03
CA THR A 30 10.22 2.43 6.73
C THR A 30 11.16 1.72 5.76
N LEU A 31 11.37 0.42 5.97
CA LEU A 31 12.26 -0.35 5.11
C LEU A 31 11.65 -0.61 3.73
N LYS A 32 10.32 -0.64 3.65
CA LYS A 32 9.64 -0.85 2.38
C LYS A 32 9.82 0.39 1.51
N GLU A 33 9.68 1.56 2.13
CA GLU A 33 9.82 2.83 1.44
C GLU A 33 11.29 3.04 1.05
N LEU A 34 12.18 2.44 1.83
CA LEU A 34 13.61 2.53 1.56
C LEU A 34 13.95 1.57 0.43
N GLY A 35 13.30 0.41 0.43
CA GLY A 35 13.53 -0.57 -0.60
C GLY A 35 13.19 0.01 -1.97
N PHE A 36 12.12 0.81 -2.00
CA PHE A 36 11.68 1.45 -3.23
C PHE A 36 12.79 2.38 -3.70
N MET A 37 13.29 3.20 -2.78
CA MET A 37 14.36 4.15 -3.08
C MET A 37 15.63 3.46 -3.54
N LEU A 38 15.98 2.34 -2.90
CA LEU A 38 17.19 1.60 -3.23
C LEU A 38 17.11 0.94 -4.60
N VAL A 39 16.02 0.22 -4.86
CA VAL A 39 15.85 -0.44 -6.16
C VAL A 39 15.74 0.58 -7.28
N TYR A 40 15.12 1.73 -6.98
CA TYR A 40 14.96 2.80 -7.96
C TYR A 40 16.36 3.26 -8.41
N GLU A 41 17.22 3.52 -7.44
CA GLU A 41 18.59 3.96 -7.71
C GLU A 41 19.37 2.88 -8.47
N ALA A 42 19.22 1.64 -8.01
CA ALA A 42 19.93 0.51 -8.62
C ALA A 42 19.53 0.24 -10.07
N LEU A 43 18.37 0.75 -10.48
CA LEU A 43 17.88 0.55 -11.83
C LEU A 43 17.98 1.80 -12.71
N LYS A 44 18.84 2.73 -12.31
CA LYS A 44 19.04 3.98 -13.04
C LYS A 44 19.83 3.80 -14.33
N ASP A 45 20.48 2.64 -14.48
CA ASP A 45 21.28 2.36 -15.66
C ASP A 45 20.62 1.30 -16.55
N ILE A 46 19.31 1.16 -16.41
CA ILE A 46 18.56 0.18 -17.20
C ILE A 46 18.24 0.76 -18.58
N LEU A 47 18.26 -0.09 -19.59
CA LEU A 47 17.97 0.36 -20.95
C LEU A 47 16.53 0.01 -21.31
N LEU A 48 15.80 0.99 -21.84
CA LEU A 48 14.41 0.78 -22.20
C LEU A 48 14.26 0.19 -23.60
N GLU A 49 13.04 -0.22 -23.94
CA GLU A 49 12.75 -0.81 -25.24
C GLU A 49 11.54 -0.13 -25.88
N GLU A 50 11.70 0.33 -27.12
CA GLU A 50 10.61 0.99 -27.82
C GLU A 50 9.51 0.00 -28.18
N LYS A 51 8.27 0.37 -27.89
CA LYS A 51 7.12 -0.47 -28.19
C LYS A 51 5.94 0.39 -28.64
N GLU A 52 5.12 -0.13 -29.53
CA GLU A 52 3.96 0.64 -30.01
C GLU A 52 2.79 0.37 -29.07
N VAL A 53 2.20 1.45 -28.58
CA VAL A 53 1.06 1.35 -27.68
C VAL A 53 -0.06 2.22 -28.24
N ARG A 54 -1.17 2.28 -27.52
CA ARG A 54 -2.32 3.08 -27.93
C ARG A 54 -2.56 4.20 -26.93
N THR A 55 -2.70 5.42 -27.43
CA THR A 55 -2.94 6.58 -26.57
C THR A 55 -4.27 7.23 -26.93
N TRP A 56 -4.63 8.27 -26.19
CA TRP A 56 -5.88 8.99 -26.40
C TRP A 56 -5.95 9.62 -27.79
N ILE A 57 -4.79 9.79 -28.43
CA ILE A 57 -4.74 10.37 -29.76
C ILE A 57 -4.16 9.40 -30.79
N GLY A 58 -4.50 8.12 -30.64
CA GLY A 58 -4.03 7.12 -31.57
C GLY A 58 -2.78 6.37 -31.17
N ASN A 59 -2.26 5.59 -32.11
CA ASN A 59 -1.06 4.79 -31.90
C ASN A 59 0.20 5.66 -31.81
N LYS A 60 1.11 5.27 -30.94
CA LYS A 60 2.36 5.99 -30.74
C LYS A 60 3.41 5.01 -30.26
N ARG A 61 4.67 5.42 -30.28
CA ARG A 61 5.76 4.56 -29.81
C ARG A 61 6.47 5.24 -28.66
N PHE A 62 6.73 4.46 -27.60
CA PHE A 62 7.44 4.99 -26.44
C PHE A 62 8.33 3.90 -25.87
N ASN A 63 9.28 4.31 -25.03
CA ASN A 63 10.20 3.38 -24.43
C ASN A 63 9.66 2.82 -23.12
N TYR A 64 9.82 1.52 -22.94
CA TYR A 64 9.34 0.85 -21.73
C TYR A 64 10.36 -0.13 -21.17
N LEU A 65 10.18 -0.45 -19.90
CA LEU A 65 11.05 -1.39 -19.21
C LEU A 65 10.38 -2.76 -19.32
N ASN A 66 11.17 -3.78 -19.61
CA ASN A 66 10.63 -5.14 -19.69
C ASN A 66 10.60 -5.68 -18.26
N GLU A 67 9.59 -5.26 -17.51
CA GLU A 67 9.42 -5.66 -16.11
C GLU A 67 9.67 -7.14 -15.83
N GLU A 68 9.27 -8.00 -16.75
CA GLU A 68 9.46 -9.44 -16.57
C GLU A 68 10.93 -9.86 -16.60
N GLU A 69 11.78 -9.03 -17.17
CA GLU A 69 13.21 -9.34 -17.26
C GLU A 69 13.94 -9.06 -15.95
N ILE A 70 13.20 -8.59 -14.96
CA ILE A 70 13.78 -8.29 -13.66
C ILE A 70 13.33 -9.34 -12.64
N VAL A 71 14.30 -9.80 -11.85
CA VAL A 71 14.02 -10.81 -10.83
C VAL A 71 14.51 -10.34 -9.47
N PHE A 72 13.60 -10.13 -8.53
CA PHE A 72 13.99 -9.71 -7.20
C PHE A 72 14.25 -10.97 -6.38
N VAL A 73 15.27 -10.93 -5.54
CA VAL A 73 15.60 -12.08 -4.70
C VAL A 73 15.92 -11.63 -3.28
N PRO A 74 14.90 -11.62 -2.41
CA PRO A 74 15.14 -11.21 -1.03
C PRO A 74 15.67 -12.38 -0.21
N ILE A 75 16.71 -12.13 0.58
CA ILE A 75 17.08 -13.13 1.58
C ILE A 75 16.20 -13.09 2.82
N LEU A 76 15.20 -14.00 2.85
CA LEU A 76 14.47 -14.17 4.09
C LEU A 76 15.45 -14.33 5.26
N ARG A 77 15.15 -13.61 6.37
CA ARG A 77 13.88 -12.91 6.45
C ARG A 77 13.98 -11.42 6.06
N ALA A 78 15.10 -10.78 6.47
CA ALA A 78 15.18 -9.32 6.35
C ALA A 78 14.98 -8.83 4.91
N GLY A 79 15.43 -9.66 3.94
CA GLY A 79 15.28 -9.24 2.54
C GLY A 79 13.83 -8.90 2.19
N LEU A 80 12.94 -9.68 2.83
CA LEU A 80 11.51 -9.51 2.59
C LEU A 80 11.05 -8.09 2.91
N SER A 81 11.59 -7.41 3.92
CA SER A 81 11.16 -6.05 4.23
C SER A 81 11.28 -5.10 3.04
N PHE A 82 12.13 -5.42 2.08
CA PHE A 82 12.32 -4.59 0.88
C PHE A 82 11.42 -5.01 -0.29
N LEU A 83 10.91 -6.24 -0.24
CA LEU A 83 10.18 -6.76 -1.42
C LEU A 83 8.99 -5.87 -1.87
N GLU A 84 8.00 -5.56 -1.05
CA GLU A 84 6.89 -4.71 -1.47
C GLU A 84 7.37 -3.41 -2.11
N GLY A 85 8.39 -2.80 -1.53
CA GLY A 85 8.91 -1.56 -2.07
C GLY A 85 9.50 -1.76 -3.45
N ALA A 86 10.25 -2.85 -3.61
CA ALA A 86 10.87 -3.17 -4.89
C ALA A 86 9.84 -3.43 -5.97
N LEU A 87 8.75 -4.08 -5.60
CA LEU A 87 7.71 -4.39 -6.58
C LEU A 87 6.94 -3.15 -7.04
N GLN A 88 6.93 -2.09 -6.23
CA GLN A 88 6.24 -0.86 -6.61
C GLN A 88 6.98 -0.25 -7.77
N VAL A 89 8.30 -0.38 -7.78
CA VAL A 89 9.10 0.16 -8.87
C VAL A 89 8.91 -0.71 -10.11
N VAL A 90 8.95 -2.04 -9.91
CA VAL A 90 8.78 -3.00 -11.00
C VAL A 90 7.73 -4.04 -10.59
N PRO A 91 6.44 -3.74 -10.82
CA PRO A 91 5.29 -4.58 -10.49
C PRO A 91 5.26 -6.00 -11.07
N ASN A 92 5.71 -6.16 -12.31
CA ASN A 92 5.67 -7.47 -12.94
C ASN A 92 6.98 -8.24 -12.94
N ALA A 93 7.90 -7.83 -12.08
CA ALA A 93 9.18 -8.52 -11.98
C ALA A 93 8.92 -9.87 -11.31
N LYS A 94 9.77 -10.84 -11.60
CA LYS A 94 9.63 -12.15 -10.98
C LYS A 94 10.22 -12.04 -9.58
N VAL A 95 10.04 -13.08 -8.78
CA VAL A 95 10.58 -13.07 -7.42
C VAL A 95 11.13 -14.43 -7.01
N GLY A 96 12.39 -14.43 -6.56
CA GLY A 96 13.04 -15.65 -6.11
C GLY A 96 13.20 -15.59 -4.61
N PHE A 97 13.22 -16.75 -3.96
CA PHE A 97 13.35 -16.79 -2.50
C PHE A 97 14.48 -17.67 -1.99
N LEU A 98 15.32 -17.09 -1.14
CA LEU A 98 16.44 -17.80 -0.55
C LEU A 98 16.37 -17.76 0.98
N GLY A 99 16.20 -18.93 1.59
CA GLY A 99 16.14 -19.00 3.04
C GLY A 99 17.55 -19.21 3.54
N ILE A 100 18.15 -18.16 4.08
CA ILE A 100 19.52 -18.23 4.57
C ILE A 100 19.62 -17.81 6.03
N LYS A 101 20.58 -18.41 6.75
CA LYS A 101 20.77 -18.07 8.15
C LYS A 101 22.24 -18.17 8.52
N ARG A 102 22.73 -17.14 9.19
CA ARG A 102 24.12 -17.09 9.62
C ARG A 102 24.33 -17.88 10.90
N ASN A 103 25.43 -18.62 10.96
CA ASN A 103 25.79 -19.40 12.14
C ASN A 103 26.49 -18.41 13.07
N GLU A 104 25.77 -17.92 14.07
CA GLU A 104 26.31 -16.94 15.00
C GLU A 104 27.63 -17.28 15.68
N GLU A 105 28.05 -18.55 15.62
CA GLU A 105 29.31 -18.95 16.23
C GLU A 105 30.46 -18.84 15.23
N THR A 106 30.31 -19.49 14.09
CA THR A 106 31.32 -19.48 13.04
C THR A 106 31.17 -18.30 12.09
N LEU A 107 30.02 -17.65 12.17
CA LEU A 107 29.70 -16.50 11.32
C LEU A 107 29.52 -16.90 9.86
N GLU A 108 29.36 -18.19 9.61
CA GLU A 108 29.15 -18.69 8.26
C GLU A 108 27.66 -18.75 8.01
N SER A 109 27.25 -18.72 6.74
CA SER A 109 25.84 -18.77 6.42
C SER A 109 25.49 -19.99 5.59
N HIS A 110 24.29 -20.51 5.80
CA HIS A 110 23.84 -21.70 5.09
C HIS A 110 22.46 -21.52 4.47
N ILE A 111 22.26 -22.16 3.32
CA ILE A 111 20.98 -22.08 2.61
C ILE A 111 20.09 -23.24 3.01
N TYR A 112 18.89 -22.93 3.50
CA TYR A 112 17.94 -23.97 3.89
C TYR A 112 16.71 -23.97 3.01
N TYR A 113 16.61 -22.98 2.11
CA TYR A 113 15.47 -22.86 1.22
C TYR A 113 15.84 -22.11 -0.05
N SER A 114 15.50 -22.69 -1.21
CA SER A 114 15.78 -22.06 -2.48
C SER A 114 14.66 -22.33 -3.47
N ARG A 115 13.90 -21.28 -3.81
CA ARG A 115 12.80 -21.41 -4.74
C ARG A 115 12.98 -20.29 -5.76
N LEU A 116 13.93 -20.49 -6.66
CA LEU A 116 14.24 -19.49 -7.68
C LEU A 116 13.58 -19.75 -9.02
N PRO A 117 13.19 -18.67 -9.73
CA PRO A 117 12.57 -18.77 -11.04
C PRO A 117 13.71 -18.81 -12.06
N GLU A 118 13.39 -18.93 -13.33
CA GLU A 118 14.43 -18.98 -14.36
C GLU A 118 15.19 -17.65 -14.34
N LEU A 119 16.48 -17.72 -14.02
CA LEU A 119 17.31 -16.52 -13.94
C LEU A 119 18.18 -16.24 -15.17
N LYS A 120 18.39 -17.25 -15.99
CA LYS A 120 19.22 -17.10 -17.18
C LYS A 120 18.81 -15.94 -18.08
N GLY A 121 19.74 -15.01 -18.29
CA GLY A 121 19.47 -13.87 -19.15
C GLY A 121 18.74 -12.69 -18.53
N LYS A 122 18.33 -12.82 -17.28
CA LYS A 122 17.60 -11.72 -16.64
C LYS A 122 18.46 -10.91 -15.67
N ILE A 123 17.90 -9.79 -15.22
CA ILE A 123 18.58 -8.91 -14.28
C ILE A 123 18.10 -9.20 -12.86
N VAL A 124 18.98 -9.75 -12.04
CA VAL A 124 18.65 -10.09 -10.66
C VAL A 124 19.02 -8.98 -9.70
N VAL A 125 18.15 -8.76 -8.71
CA VAL A 125 18.37 -7.72 -7.70
C VAL A 125 18.22 -8.31 -6.31
N ILE A 126 19.34 -8.53 -5.64
CA ILE A 126 19.34 -9.09 -4.29
C ILE A 126 18.80 -8.07 -3.29
N LEU A 127 18.01 -8.53 -2.34
CA LEU A 127 17.43 -7.65 -1.32
C LEU A 127 17.82 -8.13 0.08
N ASP A 128 18.56 -7.30 0.80
CA ASP A 128 18.98 -7.63 2.16
C ASP A 128 19.40 -6.36 2.89
N PRO A 129 18.66 -5.97 3.93
CA PRO A 129 18.92 -4.78 4.75
C PRO A 129 20.38 -4.53 5.09
N MET A 130 21.04 -5.53 5.66
CA MET A 130 22.44 -5.37 6.03
C MET A 130 23.39 -6.30 5.32
N LEU A 131 24.63 -5.84 5.20
CA LEU A 131 25.81 -6.52 4.69
C LEU A 131 26.96 -6.44 5.70
N ALA A 132 27.01 -7.46 6.57
CA ALA A 132 27.99 -7.44 7.64
C ALA A 132 29.31 -8.04 7.17
N THR A 133 29.51 -9.32 7.54
CA THR A 133 30.72 -10.01 7.11
C THR A 133 30.65 -10.35 5.62
N GLY A 134 29.41 -10.41 5.11
CA GLY A 134 29.22 -10.72 3.69
C GLY A 134 28.98 -12.22 3.47
N GLY A 135 28.95 -13.02 4.53
CA GLY A 135 28.76 -14.45 4.36
C GLY A 135 27.48 -14.82 3.66
N THR A 136 26.38 -14.20 4.07
CA THR A 136 25.07 -14.47 3.47
C THR A 136 25.02 -14.09 1.99
N LEU A 137 25.51 -12.91 1.66
CA LEU A 137 25.50 -12.45 0.27
C LEU A 137 26.38 -13.33 -0.60
N GLU A 138 27.49 -13.80 -0.04
CA GLU A 138 28.41 -14.65 -0.77
C GLU A 138 27.73 -15.97 -1.13
N VAL A 139 26.98 -16.53 -0.18
CA VAL A 139 26.29 -17.79 -0.41
C VAL A 139 25.12 -17.59 -1.35
N ALA A 140 24.53 -16.40 -1.31
CA ALA A 140 23.40 -16.07 -2.18
C ALA A 140 23.89 -15.99 -3.63
N LEU A 141 24.95 -15.23 -3.85
CA LEU A 141 25.52 -15.08 -5.18
C LEU A 141 25.93 -16.45 -5.72
N ARG A 142 26.64 -17.20 -4.89
CA ARG A 142 27.10 -18.55 -5.25
C ARG A 142 25.93 -19.35 -5.83
N GLU A 143 24.80 -19.29 -5.15
CA GLU A 143 23.59 -20.01 -5.57
C GLU A 143 22.94 -19.42 -6.82
N ILE A 144 23.13 -18.13 -7.03
CA ILE A 144 22.52 -17.44 -8.16
C ILE A 144 23.36 -17.39 -9.44
N LEU A 145 24.65 -17.09 -9.32
CA LEU A 145 25.52 -17.01 -10.49
C LEU A 145 25.58 -18.32 -11.25
N LYS A 146 25.13 -19.40 -10.63
CA LYS A 146 25.12 -20.72 -11.28
C LYS A 146 24.10 -20.80 -12.40
N HIS A 147 23.02 -20.04 -12.29
CA HIS A 147 21.97 -20.03 -13.30
C HIS A 147 22.26 -19.04 -14.43
N SER A 148 23.51 -18.61 -14.51
CA SER A 148 23.96 -17.69 -15.54
C SER A 148 23.11 -16.42 -15.69
N PRO A 149 23.07 -15.59 -14.64
CA PRO A 149 22.30 -14.35 -14.69
C PRO A 149 22.92 -13.41 -15.72
N LEU A 150 22.08 -12.51 -16.26
CA LEU A 150 22.61 -11.54 -17.21
C LEU A 150 23.45 -10.49 -16.47
N LYS A 151 22.92 -10.13 -15.29
CA LYS A 151 23.59 -9.15 -14.45
C LYS A 151 23.00 -9.22 -13.04
N VAL A 152 23.85 -9.18 -12.01
CA VAL A 152 23.37 -9.25 -10.65
C VAL A 152 23.64 -7.97 -9.88
N LYS A 153 22.58 -7.43 -9.29
CA LYS A 153 22.65 -6.20 -8.50
C LYS A 153 22.19 -6.57 -7.09
N SER A 154 22.68 -5.82 -6.10
CA SER A 154 22.31 -6.09 -4.72
C SER A 154 22.05 -4.76 -4.02
N VAL A 155 21.01 -4.72 -3.18
CA VAL A 155 20.65 -3.50 -2.46
C VAL A 155 20.63 -3.75 -0.96
N HIS A 156 21.13 -2.78 -0.19
CA HIS A 156 21.18 -2.90 1.26
C HIS A 156 20.98 -1.55 1.91
N ALA A 157 20.52 -1.54 3.16
CA ALA A 157 20.32 -0.28 3.87
C ALA A 157 21.67 0.20 4.39
N ILE A 158 22.44 -0.72 4.96
CA ILE A 158 23.76 -0.39 5.50
C ILE A 158 24.74 -1.50 5.18
N ALA A 159 26.02 -1.15 5.10
CA ALA A 159 27.06 -2.14 4.81
C ALA A 159 28.31 -1.86 5.63
N ALA A 160 29.04 -2.92 5.93
CA ALA A 160 30.28 -2.80 6.68
C ALA A 160 31.44 -2.90 5.69
N PRO A 161 32.47 -2.06 5.85
CA PRO A 161 33.63 -2.10 4.95
C PRO A 161 34.16 -3.53 4.85
N GLU A 162 34.09 -4.23 5.97
CA GLU A 162 34.54 -5.62 6.07
C GLU A 162 33.89 -6.43 4.94
N GLY A 163 32.56 -6.44 4.94
CA GLY A 163 31.82 -7.18 3.92
C GLY A 163 32.04 -6.64 2.52
N LEU A 164 32.03 -5.32 2.39
CA LEU A 164 32.22 -4.69 1.08
C LEU A 164 33.54 -5.11 0.45
N LYS A 165 34.53 -5.37 1.29
CA LYS A 165 35.85 -5.80 0.83
C LYS A 165 35.82 -7.14 0.10
N ARG A 166 35.49 -8.20 0.83
CA ARG A 166 35.45 -9.53 0.23
C ARG A 166 34.53 -9.60 -0.98
N ILE A 167 33.31 -9.11 -0.82
CA ILE A 167 32.34 -9.12 -1.91
C ILE A 167 32.91 -8.55 -3.21
N GLU A 168 33.37 -7.30 -3.16
CA GLU A 168 33.92 -6.63 -4.34
C GLU A 168 35.22 -7.29 -4.80
N GLU A 169 35.75 -8.19 -3.97
CA GLU A 169 37.00 -8.88 -4.27
C GLU A 169 36.79 -10.22 -4.96
N LYS A 170 35.74 -10.94 -4.56
CA LYS A 170 35.44 -12.24 -5.16
C LYS A 170 34.25 -12.18 -6.12
N PHE A 171 33.64 -11.00 -6.24
CA PHE A 171 32.49 -10.81 -7.11
C PHE A 171 32.53 -9.41 -7.71
N LYS A 172 33.60 -9.10 -8.43
CA LYS A 172 33.80 -7.80 -9.04
C LYS A 172 32.73 -7.36 -10.04
N GLU A 173 32.11 -8.33 -10.70
CA GLU A 173 31.08 -8.03 -11.68
C GLU A 173 29.71 -7.75 -11.05
N VAL A 174 29.62 -7.94 -9.74
CA VAL A 174 28.38 -7.70 -9.01
C VAL A 174 28.26 -6.23 -8.62
N GLU A 175 27.08 -5.65 -8.82
CA GLU A 175 26.85 -4.26 -8.46
C GLU A 175 26.22 -4.15 -7.08
N ILE A 176 26.93 -3.48 -6.17
CA ILE A 176 26.47 -3.31 -4.80
C ILE A 176 25.93 -1.90 -4.57
N PHE A 177 24.67 -1.79 -4.18
CA PHE A 177 24.07 -0.49 -3.88
C PHE A 177 23.81 -0.45 -2.38
N VAL A 178 24.30 0.59 -1.72
CA VAL A 178 24.20 0.68 -0.25
C VAL A 178 23.63 2.07 0.18
N GLY A 179 22.67 2.05 1.09
CA GLY A 179 22.08 3.28 1.61
C GLY A 179 23.11 4.10 2.36
N ASN A 180 23.93 3.42 3.17
CA ASN A 180 24.99 4.06 3.92
C ASN A 180 25.98 3.02 4.41
N VAL A 181 27.27 3.27 4.18
CA VAL A 181 28.29 2.33 4.63
C VAL A 181 28.69 2.75 6.05
N ASP A 182 28.50 1.85 7.00
CA ASP A 182 28.84 2.13 8.39
C ASP A 182 30.34 2.00 8.69
N GLU A 183 30.70 2.23 9.94
CA GLU A 183 32.05 2.18 10.50
C GLU A 183 32.69 0.79 10.36
N ARG A 184 32.37 -0.12 11.31
CA ARG A 184 32.98 -1.45 11.26
C ARG A 184 32.02 -2.55 11.74
N LEU A 185 32.67 -3.72 11.91
CA LEU A 185 31.96 -4.80 12.56
C LEU A 185 32.59 -5.05 13.95
N ASN A 186 31.80 -5.52 14.92
CA ASN A 186 32.36 -5.75 16.25
C ASN A 186 32.87 -7.17 16.40
N ASP A 187 33.04 -7.60 17.64
CA ASP A 187 33.56 -8.93 17.96
C ASP A 187 32.56 -10.05 17.66
N LYS A 188 31.29 -9.70 17.53
CA LYS A 188 30.25 -10.69 17.25
C LYS A 188 29.76 -10.65 15.81
N GLY A 189 30.36 -9.79 15.01
CA GLY A 189 29.97 -9.70 13.61
C GLY A 189 28.73 -8.85 13.36
N TYR A 190 28.54 -7.81 14.17
CA TYR A 190 27.40 -6.93 14.02
C TYR A 190 27.89 -5.58 13.52
N ILE A 191 27.16 -5.00 12.58
CA ILE A 191 27.54 -3.70 12.02
C ILE A 191 27.36 -2.60 13.06
N ILE A 192 28.34 -1.69 13.12
CA ILE A 192 28.28 -0.57 14.05
C ILE A 192 28.33 0.72 13.24
N PRO A 193 27.41 1.66 13.51
CA PRO A 193 26.32 1.57 14.50
C PRO A 193 25.25 0.54 14.12
N GLY A 194 25.12 0.30 12.82
CA GLY A 194 24.17 -0.69 12.33
C GLY A 194 22.69 -0.59 12.69
N LEU A 195 22.02 -1.73 12.69
CA LEU A 195 20.59 -1.82 13.00
C LEU A 195 20.29 -2.94 13.99
N GLY A 196 21.34 -3.57 14.52
CA GLY A 196 21.14 -4.65 15.45
C GLY A 196 20.54 -5.89 14.81
N ASP A 197 19.65 -6.58 15.52
CA ASP A 197 19.02 -7.79 15.02
C ASP A 197 17.72 -7.50 14.25
N ILE A 198 17.85 -6.80 13.12
CA ILE A 198 16.70 -6.43 12.30
C ILE A 198 15.72 -7.55 12.00
N GLY A 199 16.23 -8.76 11.76
CA GLY A 199 15.35 -9.87 11.48
C GLY A 199 14.28 -9.99 12.56
N ASP A 200 14.73 -9.95 13.82
CA ASP A 200 13.84 -10.07 14.97
C ASP A 200 13.13 -8.74 15.27
N ARG A 201 13.83 -7.62 15.00
CA ARG A 201 13.16 -6.33 15.17
C ARG A 201 11.94 -6.23 14.25
N LEU A 202 12.08 -6.85 13.06
CA LEU A 202 11.05 -6.80 12.01
C LEU A 202 9.91 -7.77 12.27
N TYR A 203 10.23 -9.05 12.51
CA TYR A 203 9.19 -10.06 12.63
C TYR A 203 9.09 -10.83 13.94
N ALA A 204 9.95 -10.53 14.91
CA ALA A 204 9.90 -11.22 16.19
C ALA A 204 10.03 -10.24 17.34
N VAL A 205 10.93 -10.55 18.27
CA VAL A 205 11.16 -9.69 19.43
C VAL A 205 12.65 -9.42 19.55
N SER A 206 13.02 -8.15 19.42
CA SER A 206 14.43 -7.78 19.52
C SER A 206 14.94 -7.93 20.96
N VAL A 207 16.24 -8.27 21.06
CA VAL A 207 16.84 -8.44 22.38
C VAL A 207 17.44 -7.13 22.90
N TYR A 208 17.25 -6.05 22.12
CA TYR A 208 17.85 -4.76 22.48
C TYR A 208 16.80 -3.69 22.78
N MET B 1 -12.61 -27.28 13.06
CA MET B 1 -13.66 -26.33 12.70
C MET B 1 -13.36 -25.64 11.40
N ILE B 2 -14.12 -26.06 10.40
CA ILE B 2 -14.07 -25.48 9.07
C ILE B 2 -15.15 -24.43 8.86
N VAL B 3 -14.83 -23.39 8.09
CA VAL B 3 -15.78 -22.33 7.80
C VAL B 3 -15.59 -21.80 6.38
N GLU B 4 -16.61 -21.96 5.56
CA GLU B 4 -16.57 -21.47 4.19
C GLU B 4 -17.25 -20.11 4.20
N LEU B 5 -16.50 -19.08 3.83
CA LEU B 5 -17.01 -17.72 3.81
C LEU B 5 -17.90 -17.50 2.59
N SER B 6 -18.97 -16.73 2.77
CA SER B 6 -19.91 -16.47 1.68
C SER B 6 -19.97 -15.02 1.20
N HIS B 7 -19.18 -14.14 1.82
CA HIS B 7 -19.18 -12.73 1.41
C HIS B 7 -18.88 -12.58 -0.08
N PRO B 8 -19.77 -11.90 -0.82
CA PRO B 8 -19.64 -11.70 -2.27
C PRO B 8 -18.27 -11.14 -2.67
N LEU B 9 -17.72 -10.19 -1.87
CA LEU B 9 -16.44 -9.62 -2.28
C LEU B 9 -15.29 -10.64 -2.20
N ILE B 10 -15.37 -11.53 -1.19
CA ILE B 10 -14.39 -12.61 -1.15
C ILE B 10 -14.53 -13.49 -2.41
N LYS B 11 -15.77 -13.82 -2.76
CA LYS B 11 -16.03 -14.62 -3.93
C LYS B 11 -15.43 -13.93 -5.16
N HIS B 12 -15.60 -12.62 -5.23
CA HIS B 12 -15.08 -11.84 -6.35
C HIS B 12 -13.56 -11.91 -6.41
N LYS B 13 -12.91 -11.64 -5.28
CA LYS B 13 -11.45 -11.70 -5.22
C LYS B 13 -10.99 -13.09 -5.66
N VAL B 14 -11.54 -14.13 -5.02
CA VAL B 14 -11.19 -15.50 -5.34
C VAL B 14 -11.39 -15.83 -6.82
N ASN B 15 -12.55 -15.50 -7.37
CA ASN B 15 -12.82 -15.79 -8.78
C ASN B 15 -11.96 -14.98 -9.73
N THR B 16 -11.60 -13.76 -9.33
CA THR B 16 -10.75 -12.91 -10.17
C THR B 16 -9.36 -13.56 -10.26
N ALA B 17 -8.99 -14.29 -9.21
CA ALA B 17 -7.69 -14.97 -9.15
C ALA B 17 -7.65 -16.15 -10.12
N ARG B 18 -8.83 -16.70 -10.43
CA ARG B 18 -8.94 -17.82 -11.35
C ARG B 18 -8.64 -17.38 -12.79
N ILE B 19 -8.70 -16.08 -13.05
CA ILE B 19 -8.44 -15.57 -14.39
C ILE B 19 -6.95 -15.71 -14.72
N GLN B 20 -6.66 -16.73 -15.51
CA GLN B 20 -5.29 -17.07 -15.92
C GLN B 20 -4.55 -16.00 -16.71
N ASP B 21 -5.28 -15.21 -17.50
CA ASP B 21 -4.64 -14.19 -18.33
C ASP B 21 -4.27 -12.87 -17.65
N THR B 22 -4.42 -12.80 -16.32
CA THR B 22 -4.09 -11.58 -15.60
C THR B 22 -2.58 -11.48 -15.37
N SER B 23 -2.06 -10.26 -15.29
CA SER B 23 -0.63 -10.06 -15.06
C SER B 23 -0.29 -10.46 -13.63
N ALA B 24 0.99 -10.67 -13.36
CA ALA B 24 1.42 -11.05 -12.02
C ALA B 24 1.08 -9.92 -11.05
N GLU B 25 1.17 -8.69 -11.53
CA GLU B 25 0.86 -7.52 -10.74
C GLU B 25 -0.58 -7.59 -10.23
N LYS B 26 -1.51 -7.87 -11.14
CA LYS B 26 -2.93 -7.97 -10.81
C LYS B 26 -3.25 -9.12 -9.85
N LEU B 27 -2.57 -10.25 -10.04
CA LEU B 27 -2.81 -11.42 -9.20
C LEU B 27 -2.33 -11.15 -7.77
N ARG B 28 -1.12 -10.61 -7.66
CA ARG B 28 -0.54 -10.31 -6.35
C ARG B 28 -1.41 -9.33 -5.58
N LYS B 29 -1.88 -8.29 -6.26
CA LYS B 29 -2.73 -7.28 -5.63
C LYS B 29 -4.06 -7.91 -5.22
N THR B 30 -4.64 -8.73 -6.11
CA THR B 30 -5.90 -9.39 -5.81
C THR B 30 -5.78 -10.26 -4.56
N LEU B 31 -4.73 -11.07 -4.48
CA LEU B 31 -4.53 -11.95 -3.33
C LEU B 31 -4.23 -11.18 -2.05
N LYS B 32 -3.62 -10.00 -2.19
CA LYS B 32 -3.33 -9.18 -1.02
C LYS B 32 -4.65 -8.68 -0.44
N GLU B 33 -5.53 -8.21 -1.31
CA GLU B 33 -6.82 -7.70 -0.89
C GLU B 33 -7.69 -8.83 -0.37
N LEU B 34 -7.49 -10.03 -0.89
CA LEU B 34 -8.24 -11.21 -0.44
C LEU B 34 -7.71 -11.64 0.91
N GLY B 35 -6.38 -11.65 1.04
CA GLY B 35 -5.77 -12.04 2.30
C GLY B 35 -6.31 -11.20 3.44
N PHE B 36 -6.44 -9.90 3.19
CA PHE B 36 -6.97 -8.97 4.19
C PHE B 36 -8.34 -9.45 4.64
N MET B 37 -9.20 -9.71 3.66
CA MET B 37 -10.56 -10.17 3.92
C MET B 37 -10.61 -11.48 4.70
N LEU B 38 -9.86 -12.46 4.24
CA LEU B 38 -9.83 -13.76 4.91
C LEU B 38 -9.42 -13.61 6.38
N VAL B 39 -8.33 -12.89 6.62
CA VAL B 39 -7.86 -12.70 7.99
C VAL B 39 -8.86 -11.90 8.81
N TYR B 40 -9.51 -10.94 8.17
CA TYR B 40 -10.52 -10.12 8.84
C TYR B 40 -11.63 -11.04 9.34
N GLU B 41 -12.06 -11.96 8.49
CA GLU B 41 -13.11 -12.91 8.85
C GLU B 41 -12.62 -13.85 9.95
N ALA B 42 -11.37 -14.28 9.84
CA ALA B 42 -10.77 -15.20 10.81
C ALA B 42 -10.63 -14.64 12.23
N LEU B 43 -10.51 -13.32 12.35
CA LEU B 43 -10.37 -12.70 13.65
C LEU B 43 -11.66 -12.11 14.19
N LYS B 44 -12.78 -12.49 13.59
CA LYS B 44 -14.08 -11.98 14.01
C LYS B 44 -14.41 -12.35 15.45
N ASP B 45 -13.87 -13.48 15.91
CA ASP B 45 -14.12 -13.96 17.26
C ASP B 45 -13.03 -13.51 18.23
N ILE B 46 -12.04 -12.78 17.72
CA ILE B 46 -10.94 -12.31 18.56
C ILE B 46 -11.48 -11.56 19.77
N LEU B 47 -10.81 -11.71 20.91
CA LEU B 47 -11.12 -11.11 22.20
C LEU B 47 -10.33 -9.82 22.37
N LEU B 48 -10.96 -8.70 22.71
CA LEU B 48 -10.22 -7.47 22.96
C LEU B 48 -9.91 -7.29 24.45
N GLU B 49 -9.04 -6.32 24.75
CA GLU B 49 -8.64 -6.05 26.12
C GLU B 49 -8.73 -4.55 26.40
N GLU B 50 -9.19 -4.19 27.60
CA GLU B 50 -9.33 -2.79 27.95
C GLU B 50 -7.99 -2.15 28.34
N LYS B 51 -7.79 -0.93 27.85
CA LYS B 51 -6.58 -0.17 28.12
C LYS B 51 -6.92 1.31 28.18
N GLU B 52 -6.19 2.06 28.99
CA GLU B 52 -6.43 3.48 29.15
C GLU B 52 -5.52 4.26 28.19
N VAL B 53 -6.10 5.21 27.47
CA VAL B 53 -5.32 6.02 26.53
C VAL B 53 -5.68 7.49 26.64
N ARG B 54 -4.89 8.33 25.99
CA ARG B 54 -5.13 9.77 26.00
C ARG B 54 -5.85 10.19 24.72
N THR B 55 -7.04 10.79 24.87
CA THR B 55 -7.80 11.24 23.72
C THR B 55 -7.76 12.77 23.69
N TRP B 56 -8.36 13.36 22.67
CA TRP B 56 -8.38 14.81 22.55
C TRP B 56 -9.06 15.46 23.76
N ILE B 57 -9.86 14.68 24.48
CA ILE B 57 -10.56 15.21 25.65
C ILE B 57 -10.13 14.58 26.97
N GLY B 58 -8.95 13.96 26.99
CA GLY B 58 -8.46 13.36 28.22
C GLY B 58 -8.33 11.85 28.18
N ASN B 59 -8.06 11.26 29.35
CA ASN B 59 -7.89 9.82 29.46
C ASN B 59 -9.22 9.07 29.42
N LYS B 60 -9.24 8.00 28.64
CA LYS B 60 -10.43 7.17 28.50
C LYS B 60 -10.02 5.70 28.48
N ARG B 61 -11.00 4.83 28.56
CA ARG B 61 -10.74 3.39 28.55
C ARG B 61 -11.51 2.75 27.39
N PHE B 62 -10.77 2.12 26.48
CA PHE B 62 -11.36 1.46 25.34
C PHE B 62 -10.78 0.07 25.16
N ASN B 63 -11.49 -0.78 24.43
CA ASN B 63 -11.03 -2.13 24.17
C ASN B 63 -10.13 -2.17 22.95
N TYR B 64 -8.98 -2.83 23.09
CA TYR B 64 -8.02 -2.93 22.01
C TYR B 64 -7.56 -4.35 21.79
N LEU B 65 -7.04 -4.60 20.60
CA LEU B 65 -6.51 -5.91 20.25
C LEU B 65 -5.02 -5.89 20.58
N ASN B 66 -4.53 -6.92 21.25
CA ASN B 66 -3.11 -6.99 21.57
C ASN B 66 -2.46 -7.50 20.30
N GLU B 67 -2.19 -6.58 19.38
CA GLU B 67 -1.59 -6.90 18.10
C GLU B 67 -0.40 -7.86 18.16
N GLU B 68 0.53 -7.60 19.07
CA GLU B 68 1.72 -8.44 19.21
C GLU B 68 1.43 -9.89 19.60
N GLU B 69 0.23 -10.15 20.13
CA GLU B 69 -0.13 -11.51 20.53
C GLU B 69 -0.58 -12.34 19.35
N ILE B 70 -0.57 -11.72 18.16
CA ILE B 70 -0.96 -12.43 16.95
C ILE B 70 0.28 -12.74 16.12
N VAL B 71 0.32 -13.94 15.55
CA VAL B 71 1.45 -14.36 14.74
C VAL B 71 0.99 -14.90 13.39
N PHE B 72 1.44 -14.27 12.31
CA PHE B 72 1.10 -14.71 10.97
C PHE B 72 2.17 -15.68 10.47
N VAL B 73 1.75 -16.77 9.86
CA VAL B 73 2.71 -17.75 9.34
C VAL B 73 2.41 -18.18 7.91
N PRO B 74 2.99 -17.45 6.94
CA PRO B 74 2.76 -17.81 5.54
C PRO B 74 3.68 -18.96 5.16
N ILE B 75 3.19 -19.87 4.31
CA ILE B 75 4.04 -20.89 3.73
C ILE B 75 4.60 -20.42 2.39
N LEU B 76 5.94 -20.36 2.35
CA LEU B 76 6.59 -19.98 1.11
C LEU B 76 6.26 -20.98 0.00
N ARG B 77 6.06 -20.44 -1.22
CA ARG B 77 6.14 -18.99 -1.38
C ARG B 77 4.75 -18.37 -1.47
N ALA B 78 3.76 -19.21 -1.81
CA ALA B 78 2.41 -18.69 -2.07
C ALA B 78 1.82 -17.94 -0.88
N GLY B 79 2.10 -18.46 0.33
CA GLY B 79 1.54 -17.83 1.53
C GLY B 79 1.88 -16.34 1.63
N LEU B 80 2.98 -15.96 1.00
CA LEU B 80 3.45 -14.58 1.07
C LEU B 80 2.46 -13.63 0.40
N SER B 81 1.61 -14.16 -0.47
CA SER B 81 0.65 -13.31 -1.18
C SER B 81 -0.44 -12.74 -0.27
N PHE B 82 -0.60 -13.31 0.92
CA PHE B 82 -1.59 -12.83 1.88
C PHE B 82 -0.96 -11.97 2.98
N LEU B 83 0.36 -12.07 3.14
CA LEU B 83 1.07 -11.34 4.19
C LEU B 83 0.69 -9.87 4.38
N GLU B 84 1.00 -9.03 3.40
CA GLU B 84 0.69 -7.61 3.50
C GLU B 84 -0.77 -7.35 3.85
N GLY B 85 -1.67 -8.04 3.17
CA GLY B 85 -3.08 -7.87 3.46
C GLY B 85 -3.36 -8.20 4.90
N ALA B 86 -2.78 -9.30 5.37
CA ALA B 86 -2.96 -9.74 6.75
C ALA B 86 -2.37 -8.71 7.71
N LEU B 87 -1.24 -8.12 7.33
CA LEU B 87 -0.61 -7.13 8.19
C LEU B 87 -1.38 -5.81 8.23
N GLN B 88 -2.31 -5.62 7.29
CA GLN B 88 -3.10 -4.39 7.29
C GLN B 88 -4.15 -4.47 8.40
N VAL B 89 -4.62 -5.68 8.70
CA VAL B 89 -5.60 -5.85 9.75
C VAL B 89 -4.90 -5.82 11.12
N VAL B 90 -3.74 -6.47 11.21
CA VAL B 90 -2.95 -6.48 12.45
C VAL B 90 -1.51 -6.11 12.12
N PRO B 91 -1.23 -4.80 11.96
CA PRO B 91 0.09 -4.22 11.64
C PRO B 91 1.27 -4.60 12.52
N ASN B 92 1.03 -4.81 13.81
CA ASN B 92 2.12 -5.16 14.73
C ASN B 92 2.18 -6.62 15.14
N ALA B 93 1.53 -7.47 14.37
CA ALA B 93 1.55 -8.89 14.67
C ALA B 93 2.96 -9.38 14.36
N LYS B 94 3.33 -10.54 14.90
CA LYS B 94 4.64 -11.11 14.64
C LYS B 94 4.53 -11.95 13.37
N VAL B 95 5.65 -12.23 12.72
CA VAL B 95 5.63 -13.01 11.49
C VAL B 95 6.58 -14.21 11.55
N GLY B 96 6.03 -15.38 11.27
CA GLY B 96 6.82 -16.59 11.26
C GLY B 96 6.95 -17.09 9.84
N PHE B 97 8.06 -17.75 9.52
CA PHE B 97 8.26 -18.25 8.18
C PHE B 97 8.49 -19.76 8.14
N LEU B 98 7.79 -20.41 7.21
CA LEU B 98 7.91 -21.85 7.02
C LEU B 98 8.14 -22.17 5.56
N GLY B 99 9.35 -22.61 5.24
CA GLY B 99 9.68 -22.98 3.87
C GLY B 99 9.26 -24.41 3.65
N ILE B 100 8.18 -24.60 2.90
CA ILE B 100 7.67 -25.93 2.63
C ILE B 100 7.61 -26.20 1.13
N LYS B 101 7.64 -27.48 0.76
CA LYS B 101 7.60 -27.87 -0.64
C LYS B 101 6.96 -29.26 -0.76
N ARG B 102 5.96 -29.36 -1.62
CA ARG B 102 5.27 -30.63 -1.83
C ARG B 102 5.97 -31.49 -2.87
N ASN B 103 5.96 -32.80 -2.65
CA ASN B 103 6.58 -33.73 -3.58
C ASN B 103 5.49 -34.11 -4.59
N GLU B 104 5.69 -33.77 -5.85
CA GLU B 104 4.70 -34.06 -6.88
C GLU B 104 4.53 -35.54 -7.24
N GLU B 105 5.28 -36.41 -6.56
CA GLU B 105 5.15 -37.84 -6.83
C GLU B 105 4.37 -38.56 -5.71
N THR B 106 4.73 -38.22 -4.45
CA THR B 106 3.99 -38.80 -3.32
C THR B 106 2.94 -37.82 -2.79
N LEU B 107 3.05 -36.55 -3.23
CA LEU B 107 2.14 -35.53 -2.71
C LEU B 107 2.39 -35.27 -1.22
N GLU B 108 3.63 -35.63 -0.79
CA GLU B 108 4.03 -35.36 0.58
C GLU B 108 4.71 -33.98 0.69
N SER B 109 4.55 -33.31 1.83
CA SER B 109 5.17 -32.01 2.03
C SER B 109 6.34 -32.10 3.01
N HIS B 110 7.38 -31.31 2.75
CA HIS B 110 8.54 -31.32 3.62
C HIS B 110 9.01 -29.91 3.97
N ILE B 111 9.39 -29.72 5.22
CA ILE B 111 9.83 -28.42 5.72
C ILE B 111 11.35 -28.30 5.66
N TYR B 112 11.84 -27.43 4.78
CA TYR B 112 13.27 -27.21 4.61
C TYR B 112 13.78 -25.96 5.32
N TYR B 113 12.86 -25.07 5.67
CA TYR B 113 13.21 -23.81 6.32
C TYR B 113 12.17 -23.42 7.37
N SER B 114 12.64 -23.09 8.56
CA SER B 114 11.74 -22.70 9.64
C SER B 114 12.33 -21.55 10.45
N ARG B 115 11.59 -20.45 10.51
CA ARG B 115 12.04 -19.28 11.26
C ARG B 115 10.82 -18.71 11.98
N LEU B 116 10.45 -19.32 13.10
CA LEU B 116 9.28 -18.91 13.87
C LEU B 116 9.59 -18.17 15.16
N PRO B 117 8.79 -17.14 15.48
CA PRO B 117 9.02 -16.40 16.72
C PRO B 117 8.36 -17.25 17.81
N GLU B 118 8.39 -16.80 19.06
CA GLU B 118 7.78 -17.57 20.13
C GLU B 118 6.26 -17.64 19.93
N LEU B 119 5.76 -18.86 19.78
CA LEU B 119 4.33 -19.07 19.54
C LEU B 119 3.52 -19.41 20.80
N LYS B 120 4.23 -19.74 21.87
CA LYS B 120 3.59 -20.12 23.15
C LYS B 120 2.55 -19.12 23.64
N GLY B 121 1.30 -19.57 23.68
CA GLY B 121 0.22 -18.74 24.16
C GLY B 121 -0.32 -17.68 23.20
N LYS B 122 0.20 -17.67 21.97
CA LYS B 122 -0.27 -16.69 21.01
C LYS B 122 -1.28 -17.26 20.02
N ILE B 123 -1.90 -16.36 19.25
CA ILE B 123 -2.89 -16.76 18.26
C ILE B 123 -2.21 -16.80 16.90
N VAL B 124 -1.95 -18.01 16.42
CA VAL B 124 -1.29 -18.22 15.15
C VAL B 124 -2.27 -18.28 13.97
N VAL B 125 -1.91 -17.62 12.88
CA VAL B 125 -2.74 -17.59 11.69
C VAL B 125 -1.93 -17.96 10.45
N ILE B 126 -2.09 -19.21 10.01
CA ILE B 126 -1.38 -19.74 8.82
C ILE B 126 -1.94 -19.15 7.55
N LEU B 127 -1.05 -18.74 6.65
CA LEU B 127 -1.45 -18.16 5.37
C LEU B 127 -1.01 -19.05 4.21
N ASP B 128 -1.97 -19.46 3.37
CA ASP B 128 -1.66 -20.30 2.22
C ASP B 128 -2.83 -20.30 1.24
N PRO B 129 -2.65 -19.69 0.06
CA PRO B 129 -3.69 -19.62 -0.97
C PRO B 129 -4.55 -20.87 -1.11
N MET B 130 -3.91 -22.00 -1.36
CA MET B 130 -4.64 -23.24 -1.53
C MET B 130 -4.43 -24.28 -0.44
N LEU B 131 -5.39 -25.19 -0.36
CA LEU B 131 -5.37 -26.29 0.59
C LEU B 131 -5.88 -27.48 -0.21
N ALA B 132 -4.99 -28.11 -0.96
CA ALA B 132 -5.33 -29.26 -1.79
C ALA B 132 -5.44 -30.55 -0.98
N THR B 133 -4.34 -31.33 -0.98
CA THR B 133 -4.38 -32.61 -0.27
C THR B 133 -4.44 -32.42 1.24
N GLY B 134 -3.68 -31.41 1.71
CA GLY B 134 -3.60 -31.13 3.13
C GLY B 134 -2.19 -31.37 3.69
N GLY B 135 -1.31 -31.89 2.80
CA GLY B 135 0.02 -32.29 3.24
C GLY B 135 0.84 -31.11 3.79
N THR B 136 0.86 -30.01 3.06
CA THR B 136 1.60 -28.84 3.47
C THR B 136 1.10 -28.30 4.81
N LEU B 137 -0.22 -28.14 4.92
CA LEU B 137 -0.83 -27.64 6.14
C LEU B 137 -0.62 -28.59 7.32
N GLU B 138 -0.77 -29.89 7.09
CA GLU B 138 -0.60 -30.88 8.15
C GLU B 138 0.79 -30.80 8.78
N VAL B 139 1.82 -30.76 7.94
CA VAL B 139 3.19 -30.65 8.40
C VAL B 139 3.42 -29.38 9.17
N ALA B 140 2.83 -28.30 8.66
CA ALA B 140 2.97 -26.99 9.30
C ALA B 140 2.42 -27.05 10.72
N LEU B 141 1.18 -27.49 10.85
CA LEU B 141 0.53 -27.58 12.15
C LEU B 141 1.36 -28.37 13.15
N ARG B 142 1.93 -29.49 12.65
CA ARG B 142 2.64 -30.39 13.56
C ARG B 142 3.88 -29.74 14.18
N GLU B 143 4.43 -28.70 13.50
CA GLU B 143 5.54 -27.96 14.10
C GLU B 143 5.04 -26.76 14.92
N ILE B 144 3.83 -26.31 14.66
CA ILE B 144 3.28 -25.16 15.37
C ILE B 144 2.61 -25.55 16.68
N LEU B 145 1.82 -26.61 16.65
CA LEU B 145 1.13 -27.08 17.85
C LEU B 145 2.10 -27.47 18.98
N LYS B 146 3.37 -27.73 18.58
CA LYS B 146 4.38 -28.14 19.55
C LYS B 146 4.76 -27.00 20.49
N HIS B 147 4.59 -25.77 19.96
CA HIS B 147 4.85 -24.56 20.71
C HIS B 147 3.71 -24.24 21.69
N SER B 148 2.63 -25.05 21.61
CA SER B 148 1.49 -24.83 22.52
C SER B 148 0.88 -23.44 22.37
N PRO B 149 0.47 -23.11 21.14
CA PRO B 149 -0.22 -21.84 20.86
C PRO B 149 -1.58 -21.73 21.57
N LEU B 150 -2.01 -20.50 21.84
CA LEU B 150 -3.29 -20.29 22.51
C LEU B 150 -4.41 -20.73 21.58
N LYS B 151 -4.17 -20.58 20.27
CA LYS B 151 -5.15 -20.97 19.28
C LYS B 151 -4.53 -20.87 17.89
N VAL B 152 -4.98 -21.72 16.97
CA VAL B 152 -4.46 -21.71 15.61
C VAL B 152 -5.56 -21.53 14.57
N LYS B 153 -5.35 -20.57 13.68
CA LYS B 153 -6.29 -20.27 12.61
C LYS B 153 -5.57 -20.42 11.28
N SER B 154 -6.31 -20.78 10.23
CA SER B 154 -5.73 -20.97 8.91
C SER B 154 -6.62 -20.35 7.84
N VAL B 155 -6.03 -19.66 6.87
CA VAL B 155 -6.81 -19.05 5.80
C VAL B 155 -6.34 -19.52 4.43
N HIS B 156 -7.31 -19.72 3.53
CA HIS B 156 -7.01 -20.18 2.18
C HIS B 156 -8.05 -19.59 1.23
N ALA B 157 -7.64 -19.31 0.00
CA ALA B 157 -8.56 -18.78 -0.99
C ALA B 157 -9.52 -19.91 -1.34
N ILE B 158 -8.97 -21.09 -1.55
CA ILE B 158 -9.77 -22.26 -1.91
C ILE B 158 -9.23 -23.54 -1.28
N ALA B 159 -10.10 -24.53 -1.13
CA ALA B 159 -9.71 -25.80 -0.54
C ALA B 159 -10.49 -26.95 -1.17
N ALA B 160 -9.85 -28.12 -1.25
CA ALA B 160 -10.49 -29.30 -1.81
C ALA B 160 -11.12 -30.07 -0.64
N PRO B 161 -12.31 -30.65 -0.86
CA PRO B 161 -12.99 -31.41 0.21
C PRO B 161 -12.07 -32.42 0.89
N GLU B 162 -11.35 -33.20 0.09
CA GLU B 162 -10.44 -34.20 0.65
C GLU B 162 -9.35 -33.58 1.51
N GLY B 163 -8.99 -32.34 1.20
CA GLY B 163 -7.97 -31.66 1.98
C GLY B 163 -8.55 -31.30 3.33
N LEU B 164 -9.75 -30.72 3.32
CA LEU B 164 -10.44 -30.32 4.54
C LEU B 164 -10.68 -31.54 5.43
N LYS B 165 -11.00 -32.66 4.79
CA LYS B 165 -11.35 -33.80 5.66
C LYS B 165 -10.19 -34.29 6.49
N ARG B 166 -9.06 -34.76 5.97
CA ARG B 166 -7.95 -35.18 6.83
C ARG B 166 -7.61 -34.15 7.90
N ILE B 167 -7.44 -32.89 7.47
CA ILE B 167 -7.11 -31.82 8.40
C ILE B 167 -8.07 -31.78 9.59
N GLU B 168 -9.36 -31.66 9.32
CA GLU B 168 -10.35 -31.62 10.37
C GLU B 168 -10.35 -32.90 11.19
N GLU B 169 -9.85 -33.98 10.59
CA GLU B 169 -9.79 -35.28 11.24
C GLU B 169 -8.57 -35.42 12.15
N LYS B 170 -7.53 -34.63 11.87
CA LYS B 170 -6.30 -34.69 12.65
C LYS B 170 -6.11 -33.44 13.52
N PHE B 171 -6.84 -32.37 13.19
CA PHE B 171 -6.71 -31.11 13.91
C PHE B 171 -8.07 -30.45 14.12
N LYS B 172 -8.89 -31.10 14.92
CA LYS B 172 -10.23 -30.61 15.22
C LYS B 172 -10.26 -29.26 15.93
N GLU B 173 -9.17 -28.92 16.61
CA GLU B 173 -9.10 -27.66 17.33
C GLU B 173 -8.62 -26.51 16.44
N VAL B 174 -8.22 -26.84 15.22
CA VAL B 174 -7.75 -25.83 14.27
C VAL B 174 -8.92 -25.28 13.45
N GLU B 175 -8.99 -23.96 13.38
CA GLU B 175 -10.06 -23.29 12.63
C GLU B 175 -9.60 -22.99 11.21
N ILE B 176 -10.24 -23.64 10.24
CA ILE B 176 -9.89 -23.48 8.83
C ILE B 176 -10.87 -22.57 8.10
N PHE B 177 -10.41 -21.36 7.76
CA PHE B 177 -11.26 -20.42 7.04
C PHE B 177 -10.92 -20.47 5.55
N VAL B 178 -11.90 -20.83 4.73
CA VAL B 178 -11.74 -20.97 3.32
C VAL B 178 -12.57 -19.98 2.50
N GLY B 179 -11.99 -19.36 1.48
CA GLY B 179 -12.75 -18.44 0.65
C GLY B 179 -13.88 -19.17 -0.02
N ASN B 180 -13.54 -20.22 -0.77
CA ASN B 180 -14.53 -21.03 -1.47
C ASN B 180 -14.04 -22.48 -1.57
N VAL B 181 -14.92 -23.43 -1.28
CA VAL B 181 -14.57 -24.83 -1.37
C VAL B 181 -14.86 -25.32 -2.78
N ASP B 182 -13.79 -25.62 -3.52
CA ASP B 182 -13.95 -26.08 -4.89
C ASP B 182 -14.50 -27.49 -4.97
N GLU B 183 -14.42 -28.09 -6.16
CA GLU B 183 -14.99 -29.40 -6.44
C GLU B 183 -14.13 -30.57 -5.92
N ARG B 184 -12.86 -30.62 -6.38
CA ARG B 184 -12.06 -31.79 -5.98
C ARG B 184 -10.56 -31.64 -6.31
N LEU B 185 -9.82 -32.75 -6.11
CA LEU B 185 -8.41 -32.81 -6.55
C LEU B 185 -8.26 -33.72 -7.78
N ASN B 186 -7.41 -33.40 -8.74
CA ASN B 186 -7.23 -34.29 -9.88
C ASN B 186 -6.18 -35.35 -9.58
N ASP B 187 -5.78 -36.09 -10.62
CA ASP B 187 -4.80 -37.15 -10.49
C ASP B 187 -3.45 -36.63 -10.00
N LYS B 188 -3.11 -35.40 -10.40
CA LYS B 188 -1.85 -34.81 -10.02
C LYS B 188 -1.87 -34.04 -8.70
N GLY B 189 -3.00 -34.10 -8.00
CA GLY B 189 -3.10 -33.41 -6.72
C GLY B 189 -3.36 -31.91 -6.84
N TYR B 190 -4.05 -31.50 -7.89
CA TYR B 190 -4.38 -30.11 -8.11
C TYR B 190 -5.87 -29.91 -7.86
N ILE B 191 -6.24 -28.79 -7.26
CA ILE B 191 -7.65 -28.50 -6.99
C ILE B 191 -8.36 -28.18 -8.30
N ILE B 192 -9.66 -28.49 -8.35
CA ILE B 192 -10.48 -28.23 -9.53
C ILE B 192 -11.77 -27.53 -9.12
N PRO B 193 -12.13 -26.41 -9.79
CA PRO B 193 -11.41 -25.77 -10.89
C PRO B 193 -10.06 -25.18 -10.48
N GLY B 194 -9.90 -24.98 -9.17
CA GLY B 194 -8.66 -24.54 -8.52
C GLY B 194 -8.08 -23.23 -9.11
N LEU B 195 -6.78 -22.99 -8.78
CA LEU B 195 -6.05 -21.81 -9.29
C LEU B 195 -4.82 -22.22 -10.10
N GLY B 196 -4.65 -23.55 -10.27
CA GLY B 196 -3.46 -24.06 -10.93
C GLY B 196 -2.20 -23.95 -10.05
N ASP B 197 -1.09 -23.55 -10.65
CA ASP B 197 0.17 -23.41 -9.95
C ASP B 197 0.38 -21.96 -9.48
N ILE B 198 -0.42 -21.53 -8.50
CA ILE B 198 -0.32 -20.16 -7.99
C ILE B 198 1.08 -19.71 -7.62
N GLY B 199 1.86 -20.63 -7.06
CA GLY B 199 3.22 -20.29 -6.68
C GLY B 199 3.97 -19.70 -7.87
N ASP B 200 3.90 -20.40 -9.01
CA ASP B 200 4.58 -19.94 -10.21
C ASP B 200 3.85 -18.78 -10.87
N ARG B 201 2.52 -18.77 -10.78
CA ARG B 201 1.74 -17.70 -11.37
C ARG B 201 2.06 -16.40 -10.66
N LEU B 202 2.33 -16.49 -9.36
CA LEU B 202 2.64 -15.33 -8.56
C LEU B 202 4.07 -14.81 -8.71
N TYR B 203 5.06 -15.69 -8.58
CA TYR B 203 6.45 -15.26 -8.63
C TYR B 203 7.36 -15.72 -9.76
N ALA B 204 6.91 -16.65 -10.59
CA ALA B 204 7.74 -17.12 -11.68
C ALA B 204 6.99 -17.11 -13.00
N VAL B 205 6.81 -18.29 -13.59
CA VAL B 205 6.10 -18.41 -14.85
C VAL B 205 5.21 -19.66 -14.83
N SER B 206 3.94 -19.47 -15.14
CA SER B 206 2.98 -20.58 -15.16
C SER B 206 3.07 -21.40 -16.44
N VAL B 207 2.78 -22.71 -16.30
CA VAL B 207 2.79 -23.57 -17.47
C VAL B 207 1.41 -23.65 -18.13
N TYR B 208 0.47 -22.82 -17.63
CA TYR B 208 -0.87 -22.82 -18.18
C TYR B 208 -1.22 -21.44 -18.76
N MET C 1 -31.96 3.20 7.30
CA MET C 1 -31.40 1.87 7.65
C MET C 1 -30.01 2.03 8.25
N ILE C 2 -29.96 2.03 9.59
CA ILE C 2 -28.70 2.18 10.31
C ILE C 2 -28.15 0.84 10.78
N VAL C 3 -26.86 0.64 10.56
CA VAL C 3 -26.21 -0.60 10.97
C VAL C 3 -24.94 -0.28 11.75
N GLU C 4 -24.85 -0.81 12.97
CA GLU C 4 -23.67 -0.61 13.79
C GLU C 4 -22.87 -1.90 13.75
N LEU C 5 -21.76 -1.89 13.03
CA LEU C 5 -20.93 -3.07 12.91
C LEU C 5 -20.33 -3.42 14.27
N SER C 6 -20.24 -4.71 14.57
CA SER C 6 -19.71 -5.17 15.85
C SER C 6 -18.41 -5.95 15.75
N HIS C 7 -17.76 -5.93 14.59
CA HIS C 7 -16.51 -6.67 14.44
C HIS C 7 -15.40 -6.06 15.29
N PRO C 8 -14.74 -6.90 16.11
CA PRO C 8 -13.66 -6.45 17.00
C PRO C 8 -12.51 -5.71 16.31
N LEU C 9 -12.23 -6.04 15.06
CA LEU C 9 -11.15 -5.33 14.38
C LEU C 9 -11.58 -3.92 14.00
N ILE C 10 -12.86 -3.73 13.72
CA ILE C 10 -13.37 -2.41 13.42
C ILE C 10 -13.30 -1.57 14.69
N LYS C 11 -13.74 -2.15 15.80
CA LYS C 11 -13.70 -1.46 17.09
C LYS C 11 -12.27 -1.06 17.40
N HIS C 12 -11.34 -2.00 17.18
CA HIS C 12 -9.93 -1.74 17.44
C HIS C 12 -9.42 -0.58 16.60
N LYS C 13 -9.66 -0.61 15.30
CA LYS C 13 -9.22 0.47 14.42
C LYS C 13 -9.81 1.79 14.87
N VAL C 14 -11.07 1.75 15.33
CA VAL C 14 -11.75 2.95 15.78
C VAL C 14 -11.10 3.50 17.05
N ASN C 15 -10.98 2.65 18.07
CA ASN C 15 -10.39 3.04 19.33
C ASN C 15 -8.94 3.46 19.13
N THR C 16 -8.25 2.81 18.20
CA THR C 16 -6.86 3.15 17.91
C THR C 16 -6.83 4.57 17.34
N ALA C 17 -7.82 4.90 16.51
CA ALA C 17 -7.90 6.23 15.92
C ALA C 17 -8.24 7.29 16.97
N ARG C 18 -8.73 6.84 18.13
CA ARG C 18 -9.08 7.76 19.21
C ARG C 18 -7.85 8.24 19.97
N ILE C 19 -6.75 7.50 19.85
CA ILE C 19 -5.53 7.87 20.56
C ILE C 19 -4.96 9.18 20.02
N GLN C 20 -4.98 10.21 20.86
CA GLN C 20 -4.51 11.54 20.48
C GLN C 20 -2.99 11.66 20.28
N ASP C 21 -2.22 10.88 21.01
CA ASP C 21 -0.77 10.96 20.89
C ASP C 21 -0.18 10.03 19.84
N THR C 22 -0.83 9.94 18.69
CA THR C 22 -0.31 9.11 17.61
C THR C 22 0.08 10.05 16.48
N SER C 23 0.98 9.59 15.61
CA SER C 23 1.42 10.40 14.50
C SER C 23 0.35 10.47 13.41
N ALA C 24 0.48 11.46 12.53
CA ALA C 24 -0.45 11.52 11.42
C ALA C 24 -0.30 10.28 10.54
N GLU C 25 0.97 9.85 10.39
CA GLU C 25 1.26 8.63 9.63
C GLU C 25 0.42 7.45 10.13
N LYS C 26 0.45 7.23 11.44
CA LYS C 26 -0.27 6.14 12.07
C LYS C 26 -1.79 6.27 11.96
N LEU C 27 -2.31 7.47 12.19
CA LEU C 27 -3.75 7.72 12.10
C LEU C 27 -4.24 7.50 10.67
N ARG C 28 -3.49 8.01 9.70
CA ARG C 28 -3.86 7.87 8.30
C ARG C 28 -3.93 6.40 7.90
N LYS C 29 -2.96 5.62 8.38
CA LYS C 29 -2.91 4.20 8.08
C LYS C 29 -4.03 3.46 8.80
N THR C 30 -4.30 3.87 10.03
CA THR C 30 -5.37 3.25 10.81
C THR C 30 -6.69 3.40 10.08
N LEU C 31 -7.02 4.64 9.71
CA LEU C 31 -8.27 4.92 9.02
C LEU C 31 -8.37 4.27 7.65
N LYS C 32 -7.24 4.16 6.94
CA LYS C 32 -7.24 3.51 5.63
C LYS C 32 -7.66 2.07 5.81
N GLU C 33 -7.12 1.42 6.85
CA GLU C 33 -7.43 0.04 7.16
C GLU C 33 -8.88 -0.08 7.64
N LEU C 34 -9.34 0.90 8.40
CA LEU C 34 -10.71 0.88 8.88
C LEU C 34 -11.65 1.10 7.71
N GLY C 35 -11.21 1.93 6.75
CA GLY C 35 -12.01 2.20 5.57
C GLY C 35 -12.29 0.94 4.76
N PHE C 36 -11.29 0.07 4.67
CA PHE C 36 -11.43 -1.17 3.93
C PHE C 36 -12.51 -2.02 4.59
N MET C 37 -12.42 -2.15 5.91
CA MET C 37 -13.39 -2.94 6.67
C MET C 37 -14.81 -2.41 6.49
N LEU C 38 -15.00 -1.11 6.68
CA LEU C 38 -16.32 -0.51 6.54
C LEU C 38 -16.96 -0.75 5.17
N VAL C 39 -16.21 -0.49 4.11
CA VAL C 39 -16.75 -0.70 2.76
C VAL C 39 -17.01 -2.20 2.53
N TYR C 40 -16.13 -3.04 3.06
CA TYR C 40 -16.31 -4.49 2.92
C TYR C 40 -17.67 -4.84 3.52
N GLU C 41 -17.90 -4.41 4.76
CA GLU C 41 -19.15 -4.66 5.45
C GLU C 41 -20.32 -4.04 4.71
N ALA C 42 -20.12 -2.84 4.18
CA ALA C 42 -21.17 -2.12 3.46
C ALA C 42 -21.57 -2.76 2.14
N LEU C 43 -20.74 -3.65 1.62
CA LEU C 43 -21.03 -4.31 0.35
C LEU C 43 -21.31 -5.80 0.51
N LYS C 44 -21.67 -6.21 1.72
CA LYS C 44 -21.96 -7.61 2.01
C LYS C 44 -23.16 -8.13 1.20
N ASP C 45 -24.10 -7.24 0.88
CA ASP C 45 -25.28 -7.64 0.14
C ASP C 45 -25.21 -7.27 -1.34
N ILE C 46 -24.00 -7.10 -1.86
CA ILE C 46 -23.83 -6.72 -3.27
C ILE C 46 -24.11 -7.90 -4.19
N LEU C 47 -24.68 -7.61 -5.36
CA LEU C 47 -25.00 -8.65 -6.32
C LEU C 47 -23.87 -8.89 -7.32
N LEU C 48 -23.59 -10.18 -7.55
CA LEU C 48 -22.54 -10.57 -8.48
C LEU C 48 -23.15 -11.03 -9.79
N GLU C 49 -22.36 -10.98 -10.85
CA GLU C 49 -22.83 -11.37 -12.17
C GLU C 49 -21.93 -12.43 -12.78
N GLU C 50 -22.54 -13.42 -13.43
CA GLU C 50 -21.81 -14.50 -14.05
C GLU C 50 -21.13 -14.06 -15.34
N LYS C 51 -19.87 -14.44 -15.49
CA LYS C 51 -19.09 -14.10 -16.68
C LYS C 51 -18.16 -15.27 -16.98
N GLU C 52 -17.93 -15.52 -18.26
CA GLU C 52 -17.05 -16.62 -18.68
C GLU C 52 -15.60 -16.13 -18.77
N VAL C 53 -14.70 -16.87 -18.15
CA VAL C 53 -13.29 -16.52 -18.16
C VAL C 53 -12.43 -17.76 -18.42
N ARG C 54 -11.17 -17.54 -18.77
CA ARG C 54 -10.24 -18.63 -19.04
C ARG C 54 -9.34 -18.90 -17.85
N THR C 55 -9.42 -20.12 -17.32
CA THR C 55 -8.60 -20.52 -16.19
C THR C 55 -7.46 -21.38 -16.71
N TRP C 56 -6.67 -21.93 -15.79
CA TRP C 56 -5.54 -22.76 -16.19
C TRP C 56 -6.03 -24.03 -16.90
N ILE C 57 -7.30 -24.37 -16.70
CA ILE C 57 -7.87 -25.56 -17.33
C ILE C 57 -9.01 -25.27 -18.29
N GLY C 58 -8.92 -24.15 -19.01
CA GLY C 58 -9.96 -23.80 -19.96
C GLY C 58 -11.05 -22.89 -19.43
N ASN C 59 -11.94 -22.48 -20.33
CA ASN C 59 -13.04 -21.59 -19.99
C ASN C 59 -13.90 -22.12 -18.84
N LYS C 60 -14.49 -21.20 -18.10
CA LYS C 60 -15.35 -21.51 -16.96
C LYS C 60 -16.20 -20.28 -16.60
N ARG C 61 -17.28 -20.50 -15.88
CA ARG C 61 -18.16 -19.40 -15.49
C ARG C 61 -18.11 -19.17 -13.99
N PHE C 62 -17.97 -17.92 -13.60
CA PHE C 62 -17.92 -17.56 -12.18
C PHE C 62 -18.64 -16.24 -11.96
N ASN C 63 -18.99 -15.97 -10.71
CA ASN C 63 -19.68 -14.74 -10.36
C ASN C 63 -18.70 -13.62 -10.03
N TYR C 64 -18.87 -12.48 -10.69
CA TYR C 64 -17.99 -11.34 -10.47
C TYR C 64 -18.77 -10.06 -10.20
N LEU C 65 -18.16 -9.18 -9.41
CA LEU C 65 -18.76 -7.90 -9.09
C LEU C 65 -18.49 -6.98 -10.28
N ASN C 66 -19.46 -6.13 -10.61
CA ASN C 66 -19.27 -5.17 -11.69
C ASN C 66 -18.68 -3.93 -11.04
N GLU C 67 -17.37 -3.97 -10.81
CA GLU C 67 -16.64 -2.89 -10.16
C GLU C 67 -16.95 -1.47 -10.63
N GLU C 68 -17.05 -1.27 -11.94
CA GLU C 68 -17.33 0.07 -12.47
C GLU C 68 -18.73 0.58 -12.12
N GLU C 69 -19.50 -0.27 -11.44
CA GLU C 69 -20.87 0.09 -11.04
C GLU C 69 -20.90 0.76 -9.67
N ILE C 70 -19.77 0.71 -8.97
CA ILE C 70 -19.70 1.30 -7.65
C ILE C 70 -18.98 2.66 -7.72
N VAL C 71 -19.49 3.61 -6.96
CA VAL C 71 -18.91 4.94 -6.93
C VAL C 71 -18.62 5.34 -5.49
N PHE C 72 -17.36 5.64 -5.22
CA PHE C 72 -16.98 6.08 -3.89
C PHE C 72 -17.02 7.59 -3.88
N VAL C 73 -17.58 8.16 -2.82
CA VAL C 73 -17.67 9.61 -2.73
C VAL C 73 -17.14 10.15 -1.42
N PRO C 74 -15.82 10.38 -1.35
CA PRO C 74 -15.19 10.91 -0.15
C PRO C 74 -15.51 12.39 0.01
N ILE C 75 -15.98 12.74 1.22
CA ILE C 75 -16.16 14.14 1.58
C ILE C 75 -14.85 14.76 2.09
N LEU C 76 -14.25 15.64 1.27
CA LEU C 76 -13.04 16.29 1.74
C LEU C 76 -13.33 17.15 2.98
N ARG C 77 -12.37 17.15 3.93
CA ARG C 77 -11.09 16.48 3.72
C ARG C 77 -11.07 15.07 4.34
N ALA C 78 -11.73 14.95 5.50
CA ALA C 78 -11.60 13.74 6.30
C ALA C 78 -11.92 12.47 5.53
N GLY C 79 -12.96 12.55 4.68
CA GLY C 79 -13.40 11.37 3.95
C GLY C 79 -12.31 10.80 3.04
N LEU C 80 -11.33 11.60 2.63
CA LEU C 80 -10.24 11.09 1.79
C LEU C 80 -9.47 9.95 2.48
N SER C 81 -9.51 9.95 3.83
CA SER C 81 -8.76 8.93 4.58
C SER C 81 -9.29 7.51 4.38
N PHE C 82 -10.55 7.46 3.86
CA PHE C 82 -11.20 6.18 3.60
C PHE C 82 -10.99 5.71 2.16
N LEU C 83 -10.77 6.69 1.26
CA LEU C 83 -10.72 6.41 -0.17
C LEU C 83 -9.74 5.30 -0.55
N GLU C 84 -8.52 5.37 0.03
CA GLU C 84 -7.50 4.40 -0.34
C GLU C 84 -7.91 2.97 0.02
N GLY C 85 -8.46 2.83 1.24
CA GLY C 85 -8.88 1.51 1.70
C GLY C 85 -10.13 1.02 0.96
N ALA C 86 -10.99 2.00 0.64
CA ALA C 86 -12.21 1.67 -0.09
C ALA C 86 -11.89 1.12 -1.48
N LEU C 87 -10.84 1.66 -2.11
CA LEU C 87 -10.45 1.20 -3.43
C LEU C 87 -9.80 -0.17 -3.43
N GLN C 88 -9.33 -0.64 -2.28
CA GLN C 88 -8.72 -1.97 -2.23
C GLN C 88 -9.80 -3.05 -2.39
N VAL C 89 -10.97 -2.75 -1.80
CA VAL C 89 -12.12 -3.64 -1.92
C VAL C 89 -12.61 -3.69 -3.36
N VAL C 90 -12.79 -2.49 -3.94
CA VAL C 90 -13.21 -2.36 -5.32
C VAL C 90 -12.29 -1.40 -6.09
N PRO C 91 -11.18 -1.93 -6.62
CA PRO C 91 -10.16 -1.20 -7.38
C PRO C 91 -10.59 -0.36 -8.58
N ASN C 92 -11.59 -0.83 -9.32
CA ASN C 92 -12.02 -0.10 -10.50
C ASN C 92 -13.33 0.67 -10.34
N ALA C 93 -13.68 0.95 -9.09
CA ALA C 93 -14.88 1.72 -8.81
C ALA C 93 -14.59 3.13 -9.29
N LYS C 94 -15.64 3.93 -9.46
CA LYS C 94 -15.47 5.31 -9.89
C LYS C 94 -15.31 6.12 -8.61
N VAL C 95 -14.77 7.32 -8.71
CA VAL C 95 -14.59 8.14 -7.52
C VAL C 95 -15.13 9.55 -7.71
N GLY C 96 -16.05 9.94 -6.83
CA GLY C 96 -16.62 11.27 -6.88
C GLY C 96 -16.03 12.09 -5.76
N PHE C 97 -16.00 13.41 -5.91
CA PHE C 97 -15.44 14.25 -4.87
C PHE C 97 -16.36 15.39 -4.46
N LEU C 98 -16.48 15.60 -3.15
CA LEU C 98 -17.32 16.67 -2.63
C LEU C 98 -16.54 17.46 -1.58
N GLY C 99 -16.28 18.72 -1.90
CA GLY C 99 -15.60 19.58 -0.95
C GLY C 99 -16.66 20.26 -0.10
N ILE C 100 -16.86 19.73 1.10
CA ILE C 100 -17.87 20.28 2.01
C ILE C 100 -17.23 20.78 3.29
N LYS C 101 -17.77 21.88 3.84
CA LYS C 101 -17.28 22.32 5.13
C LYS C 101 -18.41 22.85 5.99
N ARG C 102 -18.28 22.53 7.27
CA ARG C 102 -19.32 22.85 8.24
C ARG C 102 -19.14 24.24 8.84
N ASN C 103 -20.24 24.97 8.95
CA ASN C 103 -20.23 26.32 9.53
C ASN C 103 -20.22 26.11 11.04
N GLU C 104 -19.12 26.46 11.69
CA GLU C 104 -19.01 26.23 13.14
C GLU C 104 -19.77 27.28 13.97
N GLU C 105 -21.01 27.56 13.57
CA GLU C 105 -21.83 28.52 14.34
C GLU C 105 -23.29 28.11 14.32
N THR C 106 -23.70 27.70 13.09
CA THR C 106 -25.04 27.16 12.86
C THR C 106 -25.02 25.63 12.87
N LEU C 107 -23.80 25.07 12.71
CA LEU C 107 -23.65 23.62 12.67
C LEU C 107 -24.21 23.02 11.37
N GLU C 108 -24.38 23.90 10.36
CA GLU C 108 -24.77 23.42 9.04
C GLU C 108 -23.58 23.42 8.08
N SER C 109 -23.68 22.70 6.96
CA SER C 109 -22.58 22.63 6.01
C SER C 109 -22.87 23.17 4.62
N HIS C 110 -21.79 23.53 3.91
CA HIS C 110 -21.90 24.08 2.55
C HIS C 110 -20.94 23.34 1.61
N ILE C 111 -21.37 23.14 0.38
CA ILE C 111 -20.56 22.47 -0.63
C ILE C 111 -19.83 23.51 -1.47
N TYR C 112 -18.50 23.48 -1.45
CA TYR C 112 -17.69 24.43 -2.21
C TYR C 112 -17.11 23.80 -3.47
N TYR C 113 -17.02 22.47 -3.49
CA TYR C 113 -16.44 21.77 -4.62
C TYR C 113 -17.21 20.47 -4.93
N SER C 114 -17.64 20.33 -6.17
CA SER C 114 -18.37 19.14 -6.59
C SER C 114 -17.88 18.65 -7.95
N ARG C 115 -17.33 17.44 -7.96
CA ARG C 115 -16.82 16.82 -9.17
C ARG C 115 -17.23 15.35 -9.13
N LEU C 116 -18.41 15.06 -9.66
CA LEU C 116 -18.94 13.70 -9.65
C LEU C 116 -19.05 13.06 -11.02
N PRO C 117 -18.87 11.73 -11.08
CA PRO C 117 -18.97 11.00 -12.34
C PRO C 117 -20.43 10.60 -12.47
N GLU C 118 -20.80 9.95 -13.57
CA GLU C 118 -22.21 9.63 -13.69
C GLU C 118 -22.62 8.70 -12.54
N LEU C 119 -23.74 9.08 -11.93
CA LEU C 119 -24.23 8.35 -10.76
C LEU C 119 -25.52 7.58 -11.02
N LYS C 120 -26.19 7.89 -12.12
CA LYS C 120 -27.44 7.21 -12.45
C LYS C 120 -27.31 5.70 -12.51
N GLY C 121 -28.16 5.02 -11.75
CA GLY C 121 -28.15 3.56 -11.72
C GLY C 121 -26.95 2.94 -11.04
N LYS C 122 -26.09 3.76 -10.45
CA LYS C 122 -24.90 3.26 -9.76
C LYS C 122 -25.15 3.07 -8.27
N ILE C 123 -24.19 2.44 -7.60
CA ILE C 123 -24.27 2.22 -6.16
C ILE C 123 -23.26 3.14 -5.52
N VAL C 124 -23.74 4.24 -4.95
CA VAL C 124 -22.89 5.22 -4.30
C VAL C 124 -22.56 4.86 -2.86
N VAL C 125 -21.30 5.02 -2.51
CA VAL C 125 -20.82 4.73 -1.17
C VAL C 125 -20.10 5.96 -0.61
N ILE C 126 -20.79 6.70 0.25
CA ILE C 126 -20.24 7.93 0.87
C ILE C 126 -19.18 7.58 1.89
N LEU C 127 -18.06 8.31 1.84
CA LEU C 127 -16.97 8.08 2.78
C LEU C 127 -16.74 9.31 3.65
N ASP C 128 -16.82 9.12 4.97
CA ASP C 128 -16.62 10.22 5.92
C ASP C 128 -16.55 9.68 7.35
N PRO C 129 -15.37 9.75 7.98
CA PRO C 129 -15.10 9.28 9.34
C PRO C 129 -16.18 9.55 10.40
N MET C 130 -16.73 10.76 10.41
CA MET C 130 -17.73 11.09 11.42
C MET C 130 -19.08 11.57 10.90
N LEU C 131 -20.10 11.28 11.69
CA LEU C 131 -21.47 11.68 11.43
C LEU C 131 -21.94 12.26 12.76
N ALA C 132 -21.72 13.56 12.93
CA ALA C 132 -22.08 14.26 14.16
C ALA C 132 -23.54 14.75 14.14
N THR C 133 -23.72 16.03 13.72
CA THR C 133 -25.08 16.53 13.56
C THR C 133 -25.76 15.88 12.36
N GLY C 134 -24.93 15.54 11.36
CA GLY C 134 -25.45 14.93 10.15
C GLY C 134 -25.74 16.00 9.09
N GLY C 135 -25.27 17.22 9.33
CA GLY C 135 -25.49 18.30 8.39
C GLY C 135 -24.68 18.13 7.12
N THR C 136 -23.47 17.58 7.27
CA THR C 136 -22.58 17.35 6.15
C THR C 136 -23.12 16.23 5.26
N LEU C 137 -23.59 15.14 5.88
CA LEU C 137 -24.12 14.03 5.12
C LEU C 137 -25.39 14.44 4.38
N GLU C 138 -26.25 15.18 5.07
CA GLU C 138 -27.50 15.64 4.48
C GLU C 138 -27.25 16.45 3.21
N VAL C 139 -26.34 17.42 3.30
CA VAL C 139 -26.01 18.27 2.16
C VAL C 139 -25.41 17.43 1.02
N ALA C 140 -24.67 16.40 1.39
CA ALA C 140 -24.04 15.51 0.41
C ALA C 140 -25.13 14.69 -0.25
N LEU C 141 -26.06 14.17 0.55
CA LEU C 141 -27.15 13.35 0.04
C LEU C 141 -28.03 14.14 -0.93
N ARG C 142 -28.36 15.37 -0.58
CA ARG C 142 -29.19 16.20 -1.44
C ARG C 142 -28.55 16.28 -2.82
N GLU C 143 -27.27 16.65 -2.85
CA GLU C 143 -26.51 16.78 -4.10
C GLU C 143 -26.43 15.48 -4.90
N ILE C 144 -26.34 14.35 -4.21
CA ILE C 144 -26.23 13.05 -4.87
C ILE C 144 -27.55 12.45 -5.34
N LEU C 145 -28.54 12.42 -4.45
CA LEU C 145 -29.85 11.87 -4.79
C LEU C 145 -30.47 12.48 -6.04
N LYS C 146 -30.01 13.68 -6.41
CA LYS C 146 -30.56 14.38 -7.62
C LYS C 146 -30.15 13.65 -8.89
N HIS C 147 -29.02 12.95 -8.87
CA HIS C 147 -28.54 12.26 -10.05
C HIS C 147 -29.17 10.88 -10.21
N SER C 148 -30.15 10.58 -9.35
CA SER C 148 -30.88 9.32 -9.40
C SER C 148 -30.00 8.07 -9.33
N PRO C 149 -29.31 7.86 -8.21
CA PRO C 149 -28.45 6.69 -8.07
C PRO C 149 -29.31 5.47 -7.74
N LEU C 150 -28.84 4.28 -8.11
CA LEU C 150 -29.59 3.07 -7.85
C LEU C 150 -29.67 2.78 -6.36
N LYS C 151 -28.62 3.16 -5.63
CA LYS C 151 -28.57 2.93 -4.20
C LYS C 151 -27.46 3.77 -3.57
N VAL C 152 -27.68 4.19 -2.32
CA VAL C 152 -26.70 5.00 -1.61
C VAL C 152 -26.33 4.41 -0.25
N LYS C 153 -25.04 4.15 -0.04
CA LYS C 153 -24.55 3.62 1.22
C LYS C 153 -23.58 4.64 1.79
N SER C 154 -23.40 4.61 3.12
CA SER C 154 -22.52 5.55 3.77
C SER C 154 -21.74 4.86 4.90
N VAL C 155 -20.43 5.05 4.93
CA VAL C 155 -19.59 4.44 5.96
C VAL C 155 -18.97 5.50 6.84
N HIS C 156 -18.92 5.23 8.14
CA HIS C 156 -18.36 6.16 9.11
C HIS C 156 -17.67 5.39 10.21
N ALA C 157 -16.62 5.98 10.78
CA ALA C 157 -15.92 5.31 11.86
C ALA C 157 -16.87 5.36 13.06
N ILE C 158 -17.42 6.55 13.29
CA ILE C 158 -18.33 6.77 14.41
C ILE C 158 -19.47 7.71 14.04
N ALA C 159 -20.46 7.78 14.93
CA ALA C 159 -21.61 8.65 14.71
C ALA C 159 -22.32 8.93 16.03
N ALA C 160 -23.01 10.05 16.10
CA ALA C 160 -23.76 10.41 17.29
C ALA C 160 -25.23 10.06 17.04
N PRO C 161 -25.94 9.57 18.07
CA PRO C 161 -27.35 9.21 17.92
C PRO C 161 -28.17 10.34 17.28
N GLU C 162 -27.97 11.57 17.76
CA GLU C 162 -28.71 12.70 17.22
C GLU C 162 -28.46 12.85 15.72
N GLY C 163 -27.25 12.53 15.28
CA GLY C 163 -26.93 12.63 13.88
C GLY C 163 -27.67 11.56 13.08
N LEU C 164 -27.60 10.33 13.57
CA LEU C 164 -28.27 9.21 12.91
C LEU C 164 -29.77 9.50 12.75
N LYS C 165 -30.42 9.76 13.89
CA LYS C 165 -31.85 10.05 13.90
C LYS C 165 -32.22 11.07 12.82
N ARG C 166 -31.41 12.12 12.71
CA ARG C 166 -31.63 13.19 11.74
C ARG C 166 -31.56 12.72 10.28
N ILE C 167 -30.64 11.82 9.98
CA ILE C 167 -30.49 11.31 8.62
C ILE C 167 -31.54 10.24 8.28
N GLU C 168 -31.64 9.22 9.11
CA GLU C 168 -32.61 8.15 8.87
C GLU C 168 -34.03 8.67 8.85
N GLU C 169 -34.26 9.80 9.47
CA GLU C 169 -35.60 10.41 9.55
C GLU C 169 -36.02 10.96 8.17
N LYS C 170 -35.09 11.61 7.47
CA LYS C 170 -35.38 12.19 6.16
C LYS C 170 -34.93 11.34 4.97
N PHE C 171 -34.01 10.42 5.21
CA PHE C 171 -33.51 9.56 4.14
C PHE C 171 -33.67 8.10 4.55
N LYS C 172 -34.92 7.63 4.55
CA LYS C 172 -35.26 6.27 4.92
C LYS C 172 -34.75 5.23 3.93
N GLU C 173 -34.14 5.69 2.84
CA GLU C 173 -33.63 4.82 1.79
C GLU C 173 -32.11 4.61 1.89
N VAL C 174 -31.42 5.58 2.50
CA VAL C 174 -29.97 5.51 2.62
C VAL C 174 -29.52 4.52 3.69
N GLU C 175 -28.52 3.71 3.36
CA GLU C 175 -27.99 2.73 4.28
C GLU C 175 -26.76 3.33 4.97
N ILE C 176 -26.83 3.46 6.28
CA ILE C 176 -25.72 4.03 7.06
C ILE C 176 -24.99 2.91 7.80
N PHE C 177 -23.69 2.78 7.53
CA PHE C 177 -22.85 1.78 8.19
C PHE C 177 -21.87 2.53 9.09
N VAL C 178 -21.90 2.23 10.38
CA VAL C 178 -21.07 2.92 11.38
C VAL C 178 -20.22 1.94 12.22
N GLY C 179 -18.91 2.21 12.32
CA GLY C 179 -18.05 1.37 13.13
C GLY C 179 -18.46 1.33 14.60
N ASN C 180 -18.97 2.45 15.10
CA ASN C 180 -19.41 2.52 16.50
C ASN C 180 -20.30 3.74 16.72
N VAL C 181 -21.43 3.54 17.40
CA VAL C 181 -22.28 4.67 17.71
C VAL C 181 -21.91 5.13 19.09
N ASP C 182 -21.34 6.33 19.14
CA ASP C 182 -20.90 6.88 20.40
C ASP C 182 -22.02 7.35 21.31
N GLU C 183 -21.64 8.06 22.37
CA GLU C 183 -22.57 8.54 23.38
C GLU C 183 -23.50 9.69 22.99
N ARG C 184 -22.94 10.83 22.62
CA ARG C 184 -23.76 11.98 22.26
C ARG C 184 -22.95 13.06 21.56
N LEU C 185 -23.53 14.24 21.49
CA LEU C 185 -22.89 15.41 20.89
C LEU C 185 -22.85 16.49 21.97
N ASN C 186 -21.69 17.14 22.12
CA ASN C 186 -21.56 18.19 23.11
C ASN C 186 -22.28 19.42 22.52
N ASP C 187 -22.18 20.54 23.22
CA ASP C 187 -22.83 21.77 22.77
C ASP C 187 -22.19 22.39 21.53
N LYS C 188 -20.99 21.93 21.16
CA LYS C 188 -20.31 22.48 19.99
C LYS C 188 -20.49 21.64 18.73
N GLY C 189 -21.24 20.55 18.85
CA GLY C 189 -21.46 19.69 17.70
C GLY C 189 -20.40 18.62 17.53
N TYR C 190 -19.64 18.38 18.60
CA TYR C 190 -18.58 17.36 18.55
C TYR C 190 -19.12 16.07 19.17
N ILE C 191 -18.76 14.94 18.57
CA ILE C 191 -19.18 13.64 19.09
C ILE C 191 -18.33 13.30 20.31
N ILE C 192 -18.97 12.67 21.30
CA ILE C 192 -18.29 12.26 22.52
C ILE C 192 -18.52 10.76 22.68
N PRO C 193 -17.45 9.99 22.95
CA PRO C 193 -16.06 10.41 23.12
C PRO C 193 -15.41 10.93 21.84
N GLY C 194 -15.98 10.53 20.69
CA GLY C 194 -15.49 11.01 19.40
C GLY C 194 -14.04 10.82 18.97
N LEU C 195 -13.60 11.69 18.07
CA LEU C 195 -12.24 11.66 17.53
C LEU C 195 -11.61 13.05 17.50
N GLY C 196 -12.37 14.06 17.91
CA GLY C 196 -11.86 15.42 17.90
C GLY C 196 -11.87 16.00 16.51
N ASP C 197 -10.94 16.92 16.26
CA ASP C 197 -10.83 17.58 14.96
C ASP C 197 -10.06 16.70 13.96
N ILE C 198 -10.67 15.59 13.54
CA ILE C 198 -10.05 14.64 12.62
C ILE C 198 -9.36 15.21 11.38
N GLY C 199 -10.01 16.14 10.71
CA GLY C 199 -9.41 16.71 9.52
C GLY C 199 -8.00 17.22 9.77
N ASP C 200 -7.87 18.04 10.81
CA ASP C 200 -6.58 18.61 11.18
C ASP C 200 -5.63 17.56 11.75
N ARG C 201 -6.16 16.59 12.48
CA ARG C 201 -5.33 15.52 13.05
C ARG C 201 -4.73 14.73 11.91
N LEU C 202 -5.50 14.61 10.84
CA LEU C 202 -5.08 13.86 9.67
C LEU C 202 -4.11 14.59 8.74
N TYR C 203 -4.43 15.84 8.40
CA TYR C 203 -3.60 16.58 7.45
C TYR C 203 -2.97 17.89 7.88
N ALA C 204 -3.24 18.34 9.10
CA ALA C 204 -2.67 19.62 9.55
C ALA C 204 -2.18 19.51 10.98
N VAL C 205 -2.64 20.43 11.83
CA VAL C 205 -2.24 20.43 13.23
C VAL C 205 -3.48 20.39 14.13
N SER C 206 -3.57 19.36 14.95
CA SER C 206 -4.69 19.21 15.85
C SER C 206 -4.51 20.17 17.01
N VAL C 207 -5.61 20.71 17.51
CA VAL C 207 -5.54 21.65 18.62
C VAL C 207 -5.78 20.94 19.97
N TYR C 208 -5.63 19.61 19.97
CA TYR C 208 -5.82 18.85 21.20
C TYR C 208 -4.66 17.93 21.53
N MET D 1 12.89 27.96 -12.36
CA MET D 1 13.87 26.85 -12.23
C MET D 1 13.21 25.52 -12.56
N ILE D 2 13.39 25.07 -13.79
CA ILE D 2 12.82 23.83 -14.27
C ILE D 2 13.84 22.70 -14.32
N VAL D 3 13.42 21.51 -13.91
CA VAL D 3 14.30 20.35 -13.93
C VAL D 3 13.56 19.15 -14.52
N GLU D 4 14.03 18.67 -15.66
CA GLU D 4 13.39 17.52 -16.30
C GLU D 4 14.12 16.25 -15.89
N LEU D 5 13.41 15.40 -15.16
CA LEU D 5 13.98 14.14 -14.69
C LEU D 5 14.24 13.20 -15.86
N SER D 6 15.38 12.52 -15.84
CA SER D 6 15.74 11.61 -16.93
C SER D 6 15.81 10.14 -16.53
N HIS D 7 15.47 9.85 -15.28
CA HIS D 7 15.53 8.47 -14.81
C HIS D 7 14.63 7.59 -15.69
N PRO D 8 15.16 6.46 -16.17
CA PRO D 8 14.46 5.52 -17.06
C PRO D 8 13.19 4.95 -16.43
N LEU D 9 13.15 4.89 -15.09
CA LEU D 9 11.93 4.35 -14.48
C LEU D 9 10.79 5.37 -14.44
N ILE D 10 11.18 6.65 -14.28
CA ILE D 10 10.16 7.69 -14.38
C ILE D 10 9.56 7.71 -15.79
N LYS D 11 10.43 7.60 -16.79
CA LYS D 11 9.99 7.60 -18.17
C LYS D 11 9.07 6.40 -18.40
N HIS D 12 9.36 5.30 -17.71
CA HIS D 12 8.54 4.10 -17.85
C HIS D 12 7.16 4.31 -17.23
N LYS D 13 7.14 4.86 -16.02
CA LYS D 13 5.87 5.12 -15.34
C LYS D 13 5.04 6.10 -16.18
N VAL D 14 5.67 7.17 -16.65
CA VAL D 14 4.98 8.18 -17.44
C VAL D 14 4.38 7.60 -18.72
N ASN D 15 5.19 6.87 -19.48
CA ASN D 15 4.72 6.27 -20.73
C ASN D 15 3.66 5.21 -20.46
N THR D 16 3.81 4.48 -19.36
CA THR D 16 2.83 3.46 -19.01
C THR D 16 1.50 4.16 -18.77
N ALA D 17 1.57 5.37 -18.22
CA ALA D 17 0.38 6.17 -17.95
C ALA D 17 -0.21 6.73 -19.24
N ARG D 18 0.59 6.70 -20.32
CA ARG D 18 0.14 7.18 -21.62
C ARG D 18 -0.79 6.17 -22.27
N ILE D 19 -0.70 4.92 -21.84
CA ILE D 19 -1.51 3.83 -22.39
C ILE D 19 -2.99 3.99 -22.05
N GLN D 20 -3.76 4.42 -23.04
CA GLN D 20 -5.19 4.65 -22.92
C GLN D 20 -6.02 3.42 -22.57
N ASP D 21 -5.65 2.26 -23.10
CA ASP D 21 -6.40 1.05 -22.84
C ASP D 21 -6.04 0.27 -21.58
N THR D 22 -5.69 0.98 -20.51
CA THR D 22 -5.36 0.32 -19.25
C THR D 22 -6.55 0.55 -18.32
N SER D 23 -6.64 -0.23 -17.24
CA SER D 23 -7.73 -0.08 -16.29
C SER D 23 -7.44 1.07 -15.34
N ALA D 24 -8.49 1.64 -14.76
CA ALA D 24 -8.35 2.75 -13.82
C ALA D 24 -7.40 2.32 -12.70
N GLU D 25 -7.54 1.06 -12.28
CA GLU D 25 -6.72 0.49 -11.22
C GLU D 25 -5.24 0.56 -11.57
N LYS D 26 -4.92 0.23 -12.82
CA LYS D 26 -3.53 0.25 -13.29
C LYS D 26 -3.01 1.68 -13.39
N LEU D 27 -3.86 2.60 -13.84
CA LEU D 27 -3.50 4.01 -13.99
C LEU D 27 -3.22 4.62 -12.61
N ARG D 28 -4.13 4.41 -11.68
CA ARG D 28 -3.97 4.94 -10.32
C ARG D 28 -2.70 4.40 -9.66
N LYS D 29 -2.47 3.10 -9.81
CA LYS D 29 -1.29 2.47 -9.22
C LYS D 29 -0.03 2.98 -9.90
N THR D 30 -0.07 3.13 -11.21
CA THR D 30 1.08 3.63 -11.96
C THR D 30 1.43 5.05 -11.50
N LEU D 31 0.45 5.94 -11.47
CA LEU D 31 0.69 7.32 -11.04
C LEU D 31 1.09 7.43 -9.56
N LYS D 32 0.66 6.48 -8.73
CA LYS D 32 1.02 6.52 -7.32
C LYS D 32 2.52 6.25 -7.20
N GLU D 33 3.00 5.28 -7.98
CA GLU D 33 4.40 4.92 -7.98
C GLU D 33 5.24 6.03 -8.62
N LEU D 34 4.69 6.68 -9.64
CA LEU D 34 5.38 7.79 -10.30
C LEU D 34 5.49 8.95 -9.32
N GLY D 35 4.42 9.19 -8.56
CA GLY D 35 4.42 10.26 -7.59
C GLY D 35 5.55 10.12 -6.59
N PHE D 36 5.78 8.89 -6.13
CA PHE D 36 6.83 8.59 -5.18
C PHE D 36 8.16 9.03 -5.81
N MET D 37 8.40 8.62 -7.05
CA MET D 37 9.63 8.97 -7.75
C MET D 37 9.78 10.48 -7.94
N LEU D 38 8.72 11.14 -8.36
CA LEU D 38 8.75 12.58 -8.57
C LEU D 38 9.05 13.35 -7.29
N VAL D 39 8.47 12.92 -6.18
CA VAL D 39 8.69 13.59 -4.90
C VAL D 39 10.08 13.26 -4.37
N TYR D 40 10.52 12.03 -4.61
CA TYR D 40 11.85 11.60 -4.20
C TYR D 40 12.86 12.54 -4.86
N GLU D 41 12.76 12.67 -6.18
CA GLU D 41 13.64 13.53 -6.96
C GLU D 41 13.58 14.98 -6.49
N ALA D 42 12.37 15.49 -6.34
CA ALA D 42 12.15 16.88 -5.92
C ALA D 42 12.76 17.23 -4.57
N LEU D 43 13.02 16.22 -3.73
CA LEU D 43 13.59 16.48 -2.41
C LEU D 43 15.06 16.10 -2.30
N LYS D 44 15.68 15.84 -3.45
CA LYS D 44 17.09 15.46 -3.49
C LYS D 44 17.98 16.50 -2.80
N ASP D 45 17.53 17.74 -2.75
CA ASP D 45 18.30 18.82 -2.13
C ASP D 45 17.74 19.25 -0.78
N ILE D 46 16.97 18.37 -0.14
CA ILE D 46 16.39 18.70 1.16
C ILE D 46 17.47 18.71 2.24
N LEU D 47 17.33 19.62 3.19
CA LEU D 47 18.29 19.77 4.31
C LEU D 47 17.84 18.98 5.51
N LEU D 48 18.72 18.12 6.02
CA LEU D 48 18.41 17.30 7.19
C LEU D 48 18.89 17.94 8.49
N GLU D 49 18.27 17.54 9.60
CA GLU D 49 18.63 18.07 10.90
C GLU D 49 19.10 16.93 11.81
N GLU D 50 20.16 17.18 12.57
CA GLU D 50 20.70 16.18 13.47
C GLU D 50 19.88 16.06 14.75
N LYS D 51 19.55 14.82 15.11
CA LYS D 51 18.75 14.57 16.31
C LYS D 51 19.27 13.33 17.05
N GLU D 52 19.03 13.29 18.35
CA GLU D 52 19.48 12.18 19.19
C GLU D 52 18.37 11.15 19.38
N VAL D 53 18.70 9.89 19.16
CA VAL D 53 17.74 8.80 19.32
C VAL D 53 18.41 7.62 20.03
N ARG D 54 17.61 6.65 20.47
CA ARG D 54 18.17 5.47 21.12
C ARG D 54 18.22 4.31 20.13
N THR D 55 19.43 3.84 19.83
CA THR D 55 19.59 2.72 18.91
C THR D 55 19.78 1.46 19.75
N TRP D 56 20.03 0.33 19.09
CA TRP D 56 20.22 -0.91 19.83
C TRP D 56 21.45 -0.87 20.75
N ILE D 57 22.40 0.00 20.45
CA ILE D 57 23.60 0.11 21.27
C ILE D 57 23.59 1.33 22.18
N GLY D 58 22.59 2.19 22.02
CA GLY D 58 22.51 3.36 22.87
C GLY D 58 22.15 4.64 22.13
N ASN D 59 22.12 5.74 22.87
CA ASN D 59 21.79 7.04 22.31
C ASN D 59 22.83 7.50 21.31
N LYS D 60 22.39 7.84 20.10
CA LYS D 60 23.26 8.30 19.03
C LYS D 60 22.58 9.45 18.29
N ARG D 61 23.37 10.31 17.65
CA ARG D 61 22.82 11.42 16.90
C ARG D 61 22.93 11.14 15.41
N PHE D 62 21.81 11.24 14.70
CA PHE D 62 21.79 11.03 13.26
C PHE D 62 20.98 12.16 12.62
N ASN D 63 21.17 12.36 11.33
CA ASN D 63 20.45 13.40 10.60
C ASN D 63 19.09 12.88 10.17
N TYR D 64 18.05 13.67 10.42
CA TYR D 64 16.70 13.29 10.04
C TYR D 64 16.02 14.42 9.31
N LEU D 65 15.03 14.06 8.51
CA LEU D 65 14.25 15.03 7.77
C LEU D 65 13.12 15.43 8.70
N ASN D 66 12.84 16.73 8.80
CA ASN D 66 11.74 17.20 9.64
C ASN D 66 10.50 17.07 8.78
N GLU D 67 9.98 15.85 8.69
CA GLU D 67 8.81 15.53 7.88
C GLU D 67 7.65 16.52 7.96
N GLU D 68 7.43 17.09 9.14
CA GLU D 68 6.31 17.99 9.34
C GLU D 68 6.55 19.37 8.71
N GLU D 69 7.79 19.60 8.26
CA GLU D 69 8.11 20.87 7.62
C GLU D 69 7.68 20.86 6.16
N ILE D 70 7.40 19.65 5.65
CA ILE D 70 6.96 19.52 4.26
C ILE D 70 5.44 19.44 4.14
N VAL D 71 4.88 20.18 3.20
CA VAL D 71 3.43 20.19 3.00
C VAL D 71 3.12 19.86 1.53
N PHE D 72 2.37 18.79 1.31
CA PHE D 72 1.99 18.41 -0.04
C PHE D 72 0.67 19.09 -0.38
N VAL D 73 0.53 19.50 -1.63
CA VAL D 73 -0.71 20.16 -2.06
C VAL D 73 -1.17 19.63 -3.41
N PRO D 74 -1.98 18.56 -3.40
CA PRO D 74 -2.48 17.99 -4.66
C PRO D 74 -3.63 18.86 -5.17
N ILE D 75 -3.64 19.15 -6.47
CA ILE D 75 -4.77 19.81 -7.11
C ILE D 75 -5.83 18.78 -7.53
N LEU D 76 -7.03 18.93 -6.95
CA LEU D 76 -8.10 18.01 -7.29
C LEU D 76 -8.53 18.18 -8.76
N ARG D 77 -8.77 17.03 -9.41
CA ARG D 77 -8.69 15.75 -8.71
C ARG D 77 -7.38 15.01 -9.00
N ALA D 78 -6.83 15.30 -10.19
CA ALA D 78 -5.67 14.53 -10.66
C ALA D 78 -4.52 14.51 -9.64
N GLY D 79 -4.29 15.68 -9.00
CA GLY D 79 -3.19 15.76 -8.05
C GLY D 79 -3.23 14.65 -7.01
N LEU D 80 -4.44 14.19 -6.72
CA LEU D 80 -4.67 13.19 -5.69
C LEU D 80 -4.01 11.85 -6.03
N SER D 81 -3.81 11.61 -7.32
CA SER D 81 -3.21 10.36 -7.76
C SER D 81 -1.74 10.26 -7.34
N PHE D 82 -1.17 11.38 -6.91
CA PHE D 82 0.23 11.38 -6.48
C PHE D 82 0.36 11.37 -4.95
N LEU D 83 -0.70 11.79 -4.26
CA LEU D 83 -0.69 11.89 -2.80
C LEU D 83 -0.12 10.70 -2.02
N GLU D 84 -0.62 9.50 -2.27
CA GLU D 84 -0.12 8.33 -1.55
C GLU D 84 1.36 8.07 -1.81
N GLY D 85 1.77 8.27 -3.06
CA GLY D 85 3.16 8.05 -3.42
C GLY D 85 4.04 9.05 -2.68
N ALA D 86 3.58 10.29 -2.61
CA ALA D 86 4.34 11.33 -1.95
C ALA D 86 4.42 11.09 -0.44
N LEU D 87 3.30 10.68 0.16
CA LEU D 87 3.28 10.43 1.58
C LEU D 87 4.17 9.25 1.98
N GLN D 88 4.54 8.42 1.01
CA GLN D 88 5.42 7.30 1.30
C GLN D 88 6.83 7.83 1.50
N VAL D 89 7.19 8.88 0.77
CA VAL D 89 8.51 9.47 0.91
C VAL D 89 8.60 10.30 2.18
N VAL D 90 7.50 10.96 2.52
CA VAL D 90 7.42 11.79 3.72
C VAL D 90 6.05 11.52 4.37
N PRO D 91 5.95 10.44 5.16
CA PRO D 91 4.75 9.97 5.87
C PRO D 91 4.02 10.93 6.79
N ASN D 92 4.77 11.80 7.46
CA ASN D 92 4.15 12.75 8.38
C ASN D 92 4.07 14.17 7.86
N ALA D 93 4.13 14.31 6.54
CA ALA D 93 4.03 15.64 5.94
C ALA D 93 2.59 16.11 6.10
N LYS D 94 2.39 17.43 6.09
CA LYS D 94 1.05 17.98 6.20
C LYS D 94 0.47 17.92 4.79
N VAL D 95 -0.84 18.01 4.66
CA VAL D 95 -1.45 17.97 3.34
C VAL D 95 -2.46 19.10 3.18
N GLY D 96 -2.33 19.84 2.09
CA GLY D 96 -3.23 20.94 1.80
C GLY D 96 -4.05 20.55 0.59
N PHE D 97 -5.29 21.03 0.52
CA PHE D 97 -6.14 20.68 -0.61
C PHE D 97 -6.66 21.89 -1.38
N LEU D 98 -6.52 21.84 -2.70
CA LEU D 98 -7.01 22.93 -3.54
C LEU D 98 -7.95 22.40 -4.62
N GLY D 99 -9.22 22.80 -4.52
CA GLY D 99 -10.19 22.38 -5.50
C GLY D 99 -10.21 23.39 -6.63
N ILE D 100 -9.54 23.05 -7.72
CA ILE D 100 -9.47 23.94 -8.88
C ILE D 100 -10.10 23.30 -10.11
N LYS D 101 -10.56 24.14 -11.03
CA LYS D 101 -11.20 23.66 -12.26
C LYS D 101 -10.92 24.60 -13.41
N ARG D 102 -10.54 24.05 -14.56
CA ARG D 102 -10.25 24.84 -15.74
C ARG D 102 -11.46 25.01 -16.65
N ASN D 103 -11.71 26.23 -17.08
CA ASN D 103 -12.82 26.51 -18.00
C ASN D 103 -12.33 26.02 -19.35
N GLU D 104 -12.99 25.01 -19.91
CA GLU D 104 -12.58 24.45 -21.18
C GLU D 104 -12.89 25.33 -22.39
N GLU D 105 -13.36 26.55 -22.15
CA GLU D 105 -13.68 27.48 -23.22
C GLU D 105 -12.62 28.57 -23.30
N THR D 106 -12.27 29.12 -22.14
CA THR D 106 -11.28 30.19 -22.07
C THR D 106 -9.92 29.65 -21.65
N LEU D 107 -9.92 28.47 -21.04
CA LEU D 107 -8.71 27.82 -20.57
C LEU D 107 -8.18 28.53 -19.33
N GLU D 108 -9.08 29.14 -18.58
CA GLU D 108 -8.72 29.85 -17.36
C GLU D 108 -9.09 28.97 -16.17
N SER D 109 -8.31 29.03 -15.11
CA SER D 109 -8.59 28.21 -13.94
C SER D 109 -9.18 29.02 -12.78
N HIS D 110 -10.03 28.36 -12.00
CA HIS D 110 -10.69 29.00 -10.88
C HIS D 110 -10.68 28.07 -9.67
N ILE D 111 -10.49 28.67 -8.48
CA ILE D 111 -10.46 27.90 -7.24
C ILE D 111 -11.84 27.89 -6.59
N TYR D 112 -12.36 26.69 -6.37
CA TYR D 112 -13.67 26.51 -5.75
C TYR D 112 -13.56 26.05 -4.30
N TYR D 113 -12.44 25.39 -3.98
CA TYR D 113 -12.24 24.84 -2.65
C TYR D 113 -10.80 24.99 -2.18
N SER D 114 -10.61 25.62 -1.02
CA SER D 114 -9.28 25.81 -0.46
C SER D 114 -9.28 25.39 1.00
N ARG D 115 -8.38 24.48 1.33
CA ARG D 115 -8.25 23.98 2.70
C ARG D 115 -6.77 23.72 2.95
N LEU D 116 -6.01 24.80 3.13
CA LEU D 116 -4.57 24.72 3.35
C LEU D 116 -4.14 24.93 4.80
N PRO D 117 -3.17 24.12 5.27
CA PRO D 117 -2.67 24.24 6.63
C PRO D 117 -1.63 25.36 6.63
N GLU D 118 -1.06 25.69 7.78
CA GLU D 118 -0.06 26.75 7.81
C GLU D 118 1.12 26.42 6.90
N LEU D 119 1.39 27.34 5.95
CA LEU D 119 2.51 27.13 5.02
C LEU D 119 3.71 28.03 5.37
N LYS D 120 3.47 28.96 6.31
CA LYS D 120 4.52 29.91 6.70
C LYS D 120 5.82 29.19 7.10
N GLY D 121 6.86 29.42 6.32
CA GLY D 121 8.16 28.84 6.61
C GLY D 121 8.38 27.38 6.24
N LYS D 122 7.36 26.74 5.66
CA LYS D 122 7.49 25.34 5.30
C LYS D 122 7.77 25.12 3.81
N ILE D 123 8.19 23.91 3.47
CA ILE D 123 8.48 23.57 2.08
C ILE D 123 7.24 22.94 1.47
N VAL D 124 6.61 23.70 0.57
CA VAL D 124 5.39 23.26 -0.10
C VAL D 124 5.70 22.52 -1.40
N VAL D 125 5.14 21.33 -1.54
CA VAL D 125 5.32 20.52 -2.74
C VAL D 125 3.97 20.32 -3.41
N ILE D 126 3.76 20.99 -4.52
CA ILE D 126 2.51 20.89 -5.27
C ILE D 126 2.48 19.64 -6.13
N LEU D 127 1.34 18.95 -6.12
CA LEU D 127 1.17 17.72 -6.90
C LEU D 127 0.06 17.86 -7.95
N ASP D 128 0.39 17.52 -9.19
CA ASP D 128 -0.58 17.58 -10.28
C ASP D 128 0.06 16.99 -11.54
N PRO D 129 -0.48 15.87 -12.03
CA PRO D 129 -0.01 15.15 -13.22
C PRO D 129 0.43 15.99 -14.42
N MET D 130 -0.44 16.89 -14.89
CA MET D 130 -0.10 17.72 -16.05
C MET D 130 0.02 19.21 -15.80
N LEU D 131 0.93 19.83 -16.55
CA LEU D 131 1.16 21.26 -16.49
C LEU D 131 1.05 21.71 -17.95
N ALA D 132 -0.19 21.98 -18.38
CA ALA D 132 -0.47 22.37 -19.75
C ALA D 132 -0.33 23.88 -19.98
N THR D 133 -1.46 24.62 -19.87
CA THR D 133 -1.38 26.06 -20.05
C THR D 133 -0.77 26.76 -18.83
N GLY D 134 -0.70 26.00 -17.71
CA GLY D 134 -0.12 26.58 -16.50
C GLY D 134 -1.15 27.38 -15.71
N GLY D 135 -2.37 27.46 -16.22
CA GLY D 135 -3.41 28.22 -15.54
C GLY D 135 -3.68 27.77 -14.11
N THR D 136 -3.99 26.48 -13.95
CA THR D 136 -4.28 25.92 -12.63
C THR D 136 -3.13 26.06 -11.64
N LEU D 137 -1.89 25.91 -12.12
CA LEU D 137 -0.73 26.03 -11.24
C LEU D 137 -0.51 27.48 -10.82
N GLU D 138 -0.84 28.42 -11.71
CA GLU D 138 -0.68 29.84 -11.41
C GLU D 138 -1.62 30.23 -10.28
N VAL D 139 -2.89 29.91 -10.45
CA VAL D 139 -3.91 30.23 -9.45
C VAL D 139 -3.52 29.60 -8.10
N ALA D 140 -3.09 28.35 -8.14
CA ALA D 140 -2.68 27.63 -6.94
C ALA D 140 -1.56 28.36 -6.21
N LEU D 141 -0.52 28.72 -6.97
CA LEU D 141 0.63 29.42 -6.42
C LEU D 141 0.20 30.77 -5.84
N ARG D 142 -0.62 31.49 -6.59
CA ARG D 142 -1.10 32.80 -6.20
C ARG D 142 -1.65 32.79 -4.77
N GLU D 143 -2.38 31.73 -4.43
CA GLU D 143 -2.96 31.62 -3.08
C GLU D 143 -2.00 30.99 -2.09
N ILE D 144 -1.00 30.27 -2.57
CA ILE D 144 -0.03 29.62 -1.71
C ILE D 144 1.08 30.58 -1.27
N LEU D 145 1.68 31.28 -2.23
CA LEU D 145 2.76 32.21 -1.93
C LEU D 145 2.38 33.21 -0.85
N LYS D 146 1.10 33.51 -0.73
CA LYS D 146 0.63 34.45 0.27
C LYS D 146 1.06 34.04 1.67
N HIS D 147 0.94 32.75 1.98
CA HIS D 147 1.33 32.23 3.28
C HIS D 147 2.83 32.35 3.53
N SER D 148 3.52 32.99 2.61
CA SER D 148 4.97 33.19 2.72
C SER D 148 5.70 31.89 2.99
N PRO D 149 5.66 30.96 2.03
CA PRO D 149 6.34 29.67 2.15
C PRO D 149 7.86 29.87 2.19
N LEU D 150 8.56 28.88 2.71
CA LEU D 150 10.02 28.95 2.71
C LEU D 150 10.56 28.65 1.31
N LYS D 151 9.86 27.72 0.66
CA LYS D 151 10.20 27.32 -0.70
C LYS D 151 9.04 26.54 -1.30
N VAL D 152 8.79 26.71 -2.60
CA VAL D 152 7.69 26.01 -3.25
C VAL D 152 8.17 25.13 -4.39
N LYS D 153 7.92 23.83 -4.25
CA LYS D 153 8.30 22.85 -5.26
C LYS D 153 7.03 22.38 -5.96
N SER D 154 7.17 21.93 -7.20
CA SER D 154 6.04 21.46 -7.98
C SER D 154 6.46 20.22 -8.76
N VAL D 155 5.60 19.20 -8.77
CA VAL D 155 5.90 17.97 -9.51
C VAL D 155 4.78 17.64 -10.48
N HIS D 156 5.17 17.24 -11.69
CA HIS D 156 4.22 16.89 -12.73
C HIS D 156 4.77 15.71 -13.52
N ALA D 157 3.88 14.88 -14.04
CA ALA D 157 4.30 13.74 -14.86
C ALA D 157 4.78 14.31 -16.19
N ILE D 158 3.97 15.20 -16.77
CA ILE D 158 4.29 15.84 -18.03
C ILE D 158 3.99 17.33 -17.97
N ALA D 159 4.57 18.08 -18.90
CA ALA D 159 4.36 19.51 -18.98
C ALA D 159 4.68 19.98 -20.39
N ALA D 160 4.04 21.06 -20.80
CA ALA D 160 4.25 21.61 -22.13
C ALA D 160 5.15 22.83 -22.03
N PRO D 161 6.06 23.02 -23.00
CA PRO D 161 6.95 24.18 -22.96
C PRO D 161 6.11 25.44 -22.76
N GLU D 162 4.88 25.38 -23.23
CA GLU D 162 3.94 26.49 -23.12
C GLU D 162 3.80 26.90 -21.65
N GLY D 163 3.26 25.99 -20.84
CA GLY D 163 3.06 26.27 -19.43
C GLY D 163 4.32 26.57 -18.65
N LEU D 164 5.42 25.88 -18.97
CA LEU D 164 6.68 26.12 -18.29
C LEU D 164 7.15 27.55 -18.48
N LYS D 165 6.80 28.13 -19.63
CA LYS D 165 7.17 29.50 -19.94
C LYS D 165 6.57 30.51 -18.98
N ARG D 166 5.25 30.68 -19.03
CA ARG D 166 4.56 31.63 -18.18
C ARG D 166 4.86 31.43 -16.70
N ILE D 167 4.79 30.19 -16.24
CA ILE D 167 5.05 29.87 -14.84
C ILE D 167 6.43 30.34 -14.41
N GLU D 168 7.43 30.12 -15.25
CA GLU D 168 8.78 30.52 -14.92
C GLU D 168 8.97 32.02 -15.09
N GLU D 169 8.04 32.65 -15.80
CA GLU D 169 8.12 34.09 -16.07
C GLU D 169 7.47 34.92 -14.97
N LYS D 170 6.47 34.35 -14.30
CA LYS D 170 5.76 35.05 -13.23
C LYS D 170 6.03 34.44 -11.86
N PHE D 171 6.71 33.29 -11.85
CA PHE D 171 7.03 32.58 -10.61
C PHE D 171 8.38 31.89 -10.74
N LYS D 172 9.40 32.66 -11.07
CA LYS D 172 10.76 32.15 -11.25
C LYS D 172 11.35 31.50 -10.00
N GLU D 173 10.87 31.90 -8.82
CA GLU D 173 11.39 31.34 -7.58
C GLU D 173 10.83 29.96 -7.26
N VAL D 174 9.93 29.48 -8.11
CA VAL D 174 9.32 28.16 -7.91
C VAL D 174 10.03 27.07 -8.70
N GLU D 175 10.42 26.00 -8.01
CA GLU D 175 11.11 24.88 -8.65
C GLU D 175 10.07 23.95 -9.28
N ILE D 176 10.23 23.67 -10.57
CA ILE D 176 9.30 22.81 -11.29
C ILE D 176 9.95 21.50 -11.72
N PHE D 177 9.50 20.39 -11.13
CA PHE D 177 10.05 19.09 -11.50
C PHE D 177 9.04 18.40 -12.41
N VAL D 178 9.54 17.82 -13.50
CA VAL D 178 8.69 17.15 -14.45
C VAL D 178 9.31 15.86 -14.96
N GLY D 179 8.51 14.80 -15.00
CA GLY D 179 9.01 13.52 -15.47
C GLY D 179 9.45 13.59 -16.91
N ASN D 180 8.73 14.38 -17.71
CA ASN D 180 9.06 14.53 -19.12
C ASN D 180 8.38 15.74 -19.75
N VAL D 181 9.17 16.64 -20.31
CA VAL D 181 8.60 17.82 -20.96
C VAL D 181 8.10 17.38 -22.33
N ASP D 182 6.79 17.43 -22.52
CA ASP D 182 6.22 17.02 -23.80
C ASP D 182 6.55 18.00 -24.91
N GLU D 183 5.87 17.85 -26.05
CA GLU D 183 6.13 18.70 -27.20
C GLU D 183 5.43 20.06 -27.23
N ARG D 184 4.10 20.06 -27.08
CA ARG D 184 3.37 21.33 -27.12
C ARG D 184 1.91 21.19 -26.66
N LEU D 185 1.17 22.28 -26.79
CA LEU D 185 -0.24 22.31 -26.45
C LEU D 185 -1.02 22.33 -27.76
N ASN D 186 -2.16 21.66 -27.77
CA ASN D 186 -2.98 21.61 -28.98
C ASN D 186 -3.92 22.81 -29.02
N ASP D 187 -4.85 22.78 -29.96
CA ASP D 187 -5.90 23.76 -30.18
C ASP D 187 -6.75 23.99 -28.91
N LYS D 188 -6.94 22.90 -28.17
CA LYS D 188 -7.82 22.92 -27.00
C LYS D 188 -7.10 22.99 -25.66
N GLY D 189 -5.80 23.29 -25.68
CA GLY D 189 -5.05 23.39 -24.44
C GLY D 189 -4.53 22.07 -23.89
N TYR D 190 -4.72 20.99 -24.62
CA TYR D 190 -4.24 19.69 -24.19
C TYR D 190 -2.77 19.53 -24.55
N ILE D 191 -2.04 18.74 -23.77
CA ILE D 191 -0.62 18.50 -24.01
C ILE D 191 -0.45 17.38 -25.03
N ILE D 192 0.51 17.55 -25.94
CA ILE D 192 0.78 16.54 -26.96
C ILE D 192 2.22 16.06 -26.81
N PRO D 193 2.45 14.73 -26.80
CA PRO D 193 1.44 13.68 -26.90
C PRO D 193 0.50 13.63 -25.68
N GLY D 194 0.96 14.19 -24.58
CA GLY D 194 0.21 14.41 -23.34
C GLY D 194 -0.41 13.12 -22.81
N LEU D 195 -1.40 13.27 -21.91
CA LEU D 195 -2.04 12.10 -21.34
C LEU D 195 -3.56 12.09 -21.59
N GLY D 196 -4.04 13.20 -22.17
CA GLY D 196 -5.48 13.31 -22.38
C GLY D 196 -6.18 13.90 -21.16
N ASP D 197 -7.41 13.46 -20.93
CA ASP D 197 -8.21 13.92 -19.80
C ASP D 197 -8.01 12.99 -18.60
N ILE D 198 -6.79 12.90 -18.08
CA ILE D 198 -6.48 12.03 -16.95
C ILE D 198 -7.46 12.12 -15.78
N GLY D 199 -7.97 13.30 -15.51
CA GLY D 199 -8.92 13.45 -14.42
C GLY D 199 -10.05 12.45 -14.58
N ASP D 200 -10.63 12.41 -15.77
CA ASP D 200 -11.73 11.48 -16.05
C ASP D 200 -11.21 10.06 -16.22
N ARG D 201 -9.99 9.92 -16.73
CA ARG D 201 -9.39 8.60 -16.93
C ARG D 201 -9.12 7.96 -15.57
N LEU D 202 -8.81 8.80 -14.60
CA LEU D 202 -8.50 8.35 -13.25
C LEU D 202 -9.70 8.02 -12.38
N TYR D 203 -10.69 8.89 -12.35
CA TYR D 203 -11.86 8.71 -11.48
C TYR D 203 -13.23 8.63 -12.13
N ALA D 204 -13.30 8.80 -13.44
CA ALA D 204 -14.60 8.75 -14.11
C ALA D 204 -14.57 7.92 -15.38
N VAL D 205 -14.95 8.55 -16.48
CA VAL D 205 -14.98 7.89 -17.78
C VAL D 205 -14.31 8.81 -18.80
N SER D 206 -13.26 8.30 -19.45
CA SER D 206 -12.53 9.06 -20.45
C SER D 206 -13.34 9.27 -21.72
N VAL D 207 -13.23 10.49 -22.29
CA VAL D 207 -13.92 10.78 -23.53
C VAL D 207 -13.04 10.53 -24.76
N TYR D 208 -11.93 9.81 -24.53
CA TYR D 208 -11.03 9.44 -25.62
C TYR D 208 -10.80 7.92 -25.63
S SO4 E . 26.47 -11.29 7.18
O1 SO4 E . 26.78 -10.18 6.26
O2 SO4 E . 25.15 -11.07 7.79
O3 SO4 E . 27.50 -11.34 8.25
O4 SO4 E . 26.47 -12.57 6.44
S SO4 F . -1.19 -29.46 -0.59
O1 SO4 F . -0.99 -28.34 -1.54
O2 SO4 F . -2.33 -29.17 0.28
O3 SO4 F . 0.03 -29.62 0.22
O4 SO4 F . -1.43 -30.70 -1.36
S SO4 G . -21.45 16.99 10.92
O1 SO4 G . -21.92 17.77 9.77
O2 SO4 G . -21.94 17.61 12.17
O3 SO4 G . -19.97 16.97 10.95
O4 SO4 G . -21.96 15.61 10.81
S SO4 H . -3.84 23.81 -17.24
O1 SO4 H . -4.23 24.29 -18.57
O2 SO4 H . -4.13 24.85 -16.23
O3 SO4 H . -2.39 23.52 -17.22
O4 SO4 H . -4.59 22.59 -16.91
#